data_5XSD
#
_entry.id   5XSD
#
_cell.length_a   144.958
_cell.length_b   144.958
_cell.length_c   103.074
_cell.angle_alpha   90.00
_cell.angle_beta   90.00
_cell.angle_gamma   90.00
#
_symmetry.space_group_name_H-M   'P 41 21 2'
#
loop_
_entity.id
_entity.type
_entity.pdbx_description
1 polymer 'Periplasmic binding protein/LacI transcriptional regulator'
2 polymer 'Signal transduction histidine kinase, LytS'
3 water water
#
loop_
_entity_poly.entity_id
_entity_poly.type
_entity_poly.pdbx_seq_one_letter_code
_entity_poly.pdbx_strand_id
1 'polypeptide(L)'
;MARSNLLRDKKVEKEPIKPKIVLISHIKTNPYWLDIKAGAERAAKERGAVVEFLGPTTASTEDGLKLFDMATSAKVSGII
TYVQEEGQYKKKINSAMEKGIPVVTIASDEEDSNRIAYVGTDNVLAGQVAGKEMVKQIGTSGNVAIVMGGKNVKNQKERV
EGFTQYIKSNSNLKIVDTDSSDAMLLEAEIITRKILNRNDNINALFCTSALDGIGAARAVKDLNYKDRVKIICFDDLDDT
LSNIRNGLVSATIVQKSNEMGYRAVNIIMDKIEGKSNKFSKSLIDVNVINKSDVDSYKRGDDKVEN
;
A,B
2 'polypeptide(L)'
;MGSSHHHHHHQGSMLNNMLITNEIKQHVDSSLDNFNQYILNGTPSKKESYNNEVILAKQKIGNLKKNSDDVNQYILRDLD
NTLDSYIESSKNTISAYENKEGYVFYYDDFVAAKNIASYCDAYASTLMQNFLEANSIAYKELNRNSS
;
L
#
# COMPACT_ATOMS: atom_id res chain seq x y z
N LYS A 18 -30.90 -0.94 -35.93
CA LYS A 18 -30.01 -0.63 -34.79
C LYS A 18 -30.55 0.55 -33.99
N PRO A 19 -30.46 0.48 -32.65
CA PRO A 19 -30.87 1.58 -31.76
C PRO A 19 -30.09 2.85 -32.05
N LYS A 20 -30.79 3.99 -31.97
CA LYS A 20 -30.20 5.26 -32.30
C LYS A 20 -29.99 6.02 -30.99
N ILE A 21 -28.76 6.46 -30.75
CA ILE A 21 -28.45 7.20 -29.54
C ILE A 21 -28.01 8.62 -29.88
N VAL A 22 -28.59 9.62 -29.19
CA VAL A 22 -28.21 11.00 -29.42
C VAL A 22 -27.27 11.54 -28.33
N LEU A 23 -26.18 12.15 -28.78
CA LEU A 23 -25.20 12.74 -27.90
C LEU A 23 -25.19 14.26 -28.00
N ILE A 24 -25.69 14.93 -26.96
CA ILE A 24 -25.71 16.39 -26.92
C ILE A 24 -24.52 16.87 -26.11
N SER A 25 -23.64 17.57 -26.80
CA SER A 25 -22.35 17.94 -26.25
C SER A 25 -22.35 19.25 -25.48
N HIS A 26 -21.16 19.59 -24.99
CA HIS A 26 -20.86 20.93 -24.50
C HIS A 26 -21.23 21.92 -25.59
N ILE A 27 -20.63 21.70 -26.76
CA ILE A 27 -20.81 22.37 -28.08
C ILE A 27 -19.89 21.40 -28.81
N LYS A 28 -19.86 21.37 -30.17
CA LYS A 28 -18.81 20.68 -30.92
C LYS A 28 -17.64 21.68 -31.16
N THR A 29 -17.16 22.27 -30.07
CA THR A 29 -16.03 23.23 -30.11
C THR A 29 -14.75 22.67 -29.49
N ASN A 30 -14.89 21.67 -28.63
CA ASN A 30 -13.78 21.22 -27.81
C ASN A 30 -13.26 19.82 -28.17
N PRO A 31 -11.92 19.64 -28.30
CA PRO A 31 -11.35 18.32 -28.58
C PRO A 31 -11.70 17.28 -27.51
N TYR A 32 -11.99 17.73 -26.29
CA TYR A 32 -12.57 16.88 -25.25
C TYR A 32 -13.79 16.14 -25.72
N TRP A 33 -14.72 16.91 -26.29
CA TRP A 33 -16.01 16.38 -26.67
C TRP A 33 -15.91 15.65 -28.01
N LEU A 34 -14.77 15.75 -28.67
CA LEU A 34 -14.48 14.89 -29.81
C LEU A 34 -13.95 13.53 -29.32
N ASP A 35 -13.22 13.56 -28.21
CA ASP A 35 -12.80 12.35 -27.49
C ASP A 35 -14.02 11.58 -26.99
N ILE A 36 -14.96 12.31 -26.41
CA ILE A 36 -16.21 11.72 -25.96
C ILE A 36 -16.91 11.02 -27.12
N LYS A 37 -16.89 11.64 -28.28
CA LYS A 37 -17.53 11.03 -29.43
C LYS A 37 -16.78 9.76 -29.84
N ALA A 38 -15.45 9.80 -29.84
CA ALA A 38 -14.67 8.62 -30.23
C ALA A 38 -15.00 7.43 -29.34
N GLY A 39 -15.08 7.68 -28.03
CA GLY A 39 -15.42 6.67 -27.06
C GLY A 39 -16.85 6.20 -27.25
N ALA A 40 -17.75 7.15 -27.41
CA ALA A 40 -19.16 6.85 -27.72
C ALA A 40 -19.26 5.95 -28.95
N GLU A 41 -18.53 6.30 -29.99
CA GLU A 41 -18.58 5.53 -31.22
C GLU A 41 -18.04 4.12 -31.04
N ARG A 42 -16.93 4.01 -30.32
CA ARG A 42 -16.33 2.70 -30.07
C ARG A 42 -17.30 1.78 -29.33
N ALA A 43 -17.93 2.28 -28.28
CA ALA A 43 -18.93 1.48 -27.59
C ALA A 43 -20.12 1.15 -28.51
N ALA A 44 -20.50 2.09 -29.38
CA ALA A 44 -21.65 1.91 -30.26
C ALA A 44 -21.40 0.78 -31.24
N LYS A 45 -20.19 0.72 -31.81
CA LYS A 45 -19.87 -0.40 -32.69
C LYS A 45 -19.95 -1.74 -31.96
N GLU A 46 -19.37 -1.82 -30.76
CA GLU A 46 -19.35 -3.08 -30.00
C GLU A 46 -20.75 -3.56 -29.59
N ARG A 47 -21.66 -2.62 -29.35
CA ARG A 47 -22.96 -2.95 -28.80
C ARG A 47 -24.08 -2.91 -29.83
N GLY A 48 -23.71 -2.56 -31.06
CA GLY A 48 -24.64 -2.56 -32.16
C GLY A 48 -25.59 -1.39 -32.14
N ALA A 49 -25.05 -0.17 -32.08
CA ALA A 49 -25.86 1.05 -32.11
C ALA A 49 -25.22 2.10 -32.99
N VAL A 50 -25.96 3.17 -33.28
CA VAL A 50 -25.43 4.31 -34.00
C VAL A 50 -25.56 5.56 -33.14
N VAL A 51 -24.55 6.41 -33.23
CA VAL A 51 -24.48 7.59 -32.39
C VAL A 51 -24.61 8.85 -33.22
N GLU A 52 -25.54 9.71 -32.85
CA GLU A 52 -25.58 11.02 -33.47
C GLU A 52 -25.12 12.12 -32.49
N PHE A 53 -24.07 12.83 -32.88
CA PHE A 53 -23.38 13.84 -32.07
C PHE A 53 -23.81 15.27 -32.47
N LEU A 54 -24.29 16.04 -31.49
CA LEU A 54 -24.82 17.38 -31.79
C LEU A 54 -24.12 18.48 -30.97
N VAL A 76 -36.09 8.64 -30.84
CA VAL A 76 -34.80 7.94 -30.80
C VAL A 76 -34.65 7.10 -29.53
N SER A 77 -33.73 6.13 -29.55
CA SER A 77 -33.64 5.12 -28.50
C SER A 77 -33.03 5.58 -27.17
N GLY A 78 -32.16 6.59 -27.20
CA GLY A 78 -31.56 7.08 -25.98
C GLY A 78 -30.78 8.36 -26.16
N ILE A 79 -30.65 9.10 -25.06
CA ILE A 79 -30.00 10.40 -25.07
C ILE A 79 -28.93 10.55 -24.02
N ILE A 80 -27.77 11.00 -24.46
CA ILE A 80 -26.67 11.31 -23.57
C ILE A 80 -26.37 12.81 -23.61
N THR A 81 -26.34 13.49 -22.46
CA THR A 81 -26.22 14.95 -22.47
C THR A 81 -25.17 15.62 -21.56
N TYR A 82 -24.57 16.71 -22.06
CA TYR A 82 -23.80 17.69 -21.28
C TYR A 82 -24.68 18.84 -20.73
N VAL A 83 -24.46 19.22 -19.47
CA VAL A 83 -25.12 20.42 -18.89
C VAL A 83 -24.28 21.71 -18.80
N TYR A 89 -32.56 22.14 -16.83
CA TYR A 89 -32.61 20.90 -17.59
C TYR A 89 -33.52 19.83 -17.03
N LYS A 90 -33.88 20.01 -15.77
CA LYS A 90 -34.65 19.03 -14.99
C LYS A 90 -35.84 18.30 -15.61
N LYS A 91 -36.77 19.01 -16.20
CA LYS A 91 -37.95 18.34 -16.76
C LYS A 91 -37.84 18.14 -18.30
N LYS A 92 -36.88 18.80 -18.96
CA LYS A 92 -36.52 18.38 -20.28
C LYS A 92 -36.12 16.92 -20.16
N ILE A 93 -35.32 16.64 -19.13
CA ILE A 93 -34.88 15.30 -18.83
C ILE A 93 -36.07 14.41 -18.49
N ASN A 94 -36.95 14.90 -17.60
CA ASN A 94 -38.05 14.07 -17.08
C ASN A 94 -39.23 13.72 -17.99
N SER A 95 -39.54 14.53 -18.99
CA SER A 95 -40.59 14.12 -19.91
C SER A 95 -39.95 13.40 -21.11
N ALA A 96 -38.65 13.62 -21.29
CA ALA A 96 -37.89 12.74 -22.16
C ALA A 96 -37.95 11.38 -21.48
N MET A 97 -37.63 11.39 -20.18
CA MET A 97 -37.69 10.19 -19.34
C MET A 97 -39.11 9.64 -19.22
N GLU A 98 -40.09 10.54 -19.22
CA GLU A 98 -41.50 10.17 -19.09
C GLU A 98 -41.90 9.26 -20.25
N LYS A 99 -41.20 9.40 -21.37
CA LYS A 99 -41.38 8.50 -22.51
C LYS A 99 -40.57 7.22 -22.46
N GLY A 100 -40.15 6.76 -21.28
CA GLY A 100 -39.37 5.53 -21.18
C GLY A 100 -38.10 5.62 -22.01
N ILE A 101 -37.66 6.86 -22.23
CA ILE A 101 -36.43 7.12 -22.97
C ILE A 101 -35.30 7.36 -21.99
N PRO A 102 -34.31 6.47 -22.02
CA PRO A 102 -33.18 6.64 -21.10
C PRO A 102 -32.36 7.91 -21.38
N VAL A 103 -32.05 8.61 -20.30
CA VAL A 103 -31.20 9.78 -20.40
C VAL A 103 -29.98 9.62 -19.48
N VAL A 104 -28.79 9.76 -20.05
CA VAL A 104 -27.58 9.72 -19.25
C VAL A 104 -26.93 11.10 -19.31
N THR A 105 -26.67 11.69 -18.14
CA THR A 105 -25.93 12.96 -18.10
C THR A 105 -24.45 12.68 -17.94
N ILE A 106 -23.63 13.50 -18.53
CA ILE A 106 -22.24 13.23 -18.55
C ILE A 106 -21.50 14.50 -18.18
N ALA A 107 -20.55 14.38 -17.28
CA ALA A 107 -19.68 15.51 -16.92
C ALA A 107 -20.32 16.43 -15.93
N SER A 108 -21.42 17.06 -16.30
CA SER A 108 -22.13 17.85 -15.32
C SER A 108 -23.36 17.11 -14.88
N ASP A 109 -23.54 17.02 -13.57
CA ASP A 109 -24.64 16.22 -13.04
C ASP A 109 -25.87 17.07 -12.81
N GLU A 110 -27.02 16.52 -13.21
CA GLU A 110 -28.32 17.11 -12.90
C GLU A 110 -29.05 16.19 -11.94
N GLU A 111 -28.59 16.16 -10.71
CA GLU A 111 -28.91 15.11 -9.79
C GLU A 111 -30.41 15.08 -9.55
N ASP A 112 -31.09 16.19 -9.76
CA ASP A 112 -32.54 16.22 -9.55
C ASP A 112 -33.46 15.25 -10.36
N SER A 113 -33.09 15.10 -11.61
CA SER A 113 -33.79 14.41 -12.61
C SER A 113 -33.81 12.94 -12.42
N ASN A 114 -34.62 12.33 -13.27
CA ASN A 114 -34.83 10.93 -13.34
C ASN A 114 -33.86 10.38 -14.34
N ARG A 115 -32.72 11.05 -14.49
CA ARG A 115 -31.72 10.58 -15.43
C ARG A 115 -31.33 9.23 -14.91
N ILE A 116 -31.12 8.30 -15.83
CA ILE A 116 -30.78 6.93 -15.51
C ILE A 116 -29.42 6.80 -14.81
N ALA A 117 -28.46 7.59 -15.24
CA ALA A 117 -27.16 7.57 -14.59
C ALA A 117 -26.38 8.83 -14.86
N TYR A 118 -25.44 9.09 -13.95
CA TYR A 118 -24.48 10.14 -14.13
C TYR A 118 -23.14 9.52 -14.50
N VAL A 119 -22.51 10.03 -15.55
CA VAL A 119 -21.16 9.60 -15.86
C VAL A 119 -20.24 10.80 -15.71
N GLY A 120 -19.33 10.70 -14.76
CA GLY A 120 -18.34 11.74 -14.53
C GLY A 120 -17.19 11.25 -13.68
N THR A 121 -16.27 12.17 -13.41
CA THR A 121 -15.02 11.86 -12.74
C THR A 121 -15.21 11.47 -11.29
N ASP A 122 -14.46 10.44 -10.88
CA ASP A 122 -14.31 10.12 -9.47
C ASP A 122 -13.33 11.09 -8.82
N ASN A 123 -13.86 12.15 -8.24
CA ASN A 123 -13.02 13.20 -7.71
C ASN A 123 -12.19 12.81 -6.50
N VAL A 124 -12.76 11.99 -5.62
CA VAL A 124 -12.00 11.50 -4.48
C VAL A 124 -10.81 10.69 -4.97
N LEU A 125 -11.04 9.87 -5.97
CA LEU A 125 -9.97 9.07 -6.58
C LEU A 125 -8.92 9.98 -7.22
N ALA A 126 -9.42 11.01 -7.93
CA ALA A 126 -8.59 11.97 -8.63
C ALA A 126 -7.61 12.66 -7.68
N GLY A 127 -8.11 13.02 -6.49
CA GLY A 127 -7.28 13.51 -5.40
C GLY A 127 -6.21 12.52 -4.98
N GLN A 128 -6.56 11.24 -4.88
CA GLN A 128 -5.57 10.23 -4.50
C GLN A 128 -4.47 10.11 -5.55
N VAL A 129 -4.88 10.13 -6.82
CA VAL A 129 -3.90 10.11 -7.90
C VAL A 129 -2.99 11.33 -7.83
N ALA A 130 -3.54 12.47 -7.40
CA ALA A 130 -2.73 13.67 -7.26
C ALA A 130 -1.73 13.47 -6.14
N GLY A 131 -2.21 12.92 -5.01
CA GLY A 131 -1.30 12.56 -3.94
C GLY A 131 -0.14 11.69 -4.39
N LYS A 132 -0.44 10.61 -5.10
CA LYS A 132 0.57 9.67 -5.57
C LYS A 132 1.57 10.40 -6.47
N GLU A 133 1.06 11.24 -7.37
CA GLU A 133 1.96 11.96 -8.26
C GLU A 133 2.79 12.94 -7.43
N MET A 134 2.19 13.48 -6.38
CA MET A 134 2.88 14.40 -5.49
C MET A 134 4.05 13.72 -4.80
N VAL A 135 3.82 12.55 -4.21
CA VAL A 135 4.88 11.75 -3.57
C VAL A 135 5.95 11.38 -4.59
N LYS A 136 5.53 11.08 -5.80
CA LYS A 136 6.48 10.80 -6.88
C LYS A 136 7.32 12.05 -7.23
N GLN A 137 6.75 13.25 -7.13
CA GLN A 137 7.49 14.48 -7.48
C GLN A 137 8.46 14.97 -6.39
N ILE A 138 8.07 14.88 -5.11
CA ILE A 138 8.91 15.47 -4.07
C ILE A 138 9.31 14.49 -2.94
N GLY A 139 8.91 13.23 -3.03
CA GLY A 139 9.26 12.25 -2.02
C GLY A 139 8.26 12.23 -0.89
N THR A 140 8.63 11.64 0.25
CA THR A 140 7.69 11.44 1.36
C THR A 140 7.93 12.34 2.57
N SER A 141 8.94 13.20 2.50
CA SER A 141 9.11 14.20 3.55
C SER A 141 9.22 15.59 2.93
N GLY A 142 8.77 16.60 3.66
CA GLY A 142 8.73 17.95 3.12
C GLY A 142 7.40 18.61 3.42
N ASN A 143 7.19 19.79 2.85
CA ASN A 143 5.97 20.55 3.08
C ASN A 143 5.20 20.86 1.81
N VAL A 144 3.89 20.79 1.97
CA VAL A 144 2.96 20.94 0.88
C VAL A 144 1.88 21.89 1.31
N ALA A 145 1.37 22.70 0.39
CA ALA A 145 0.26 23.59 0.70
C ALA A 145 -0.80 23.47 -0.39
N ILE A 146 -2.04 23.75 0.00
CA ILE A 146 -3.18 23.59 -0.87
C ILE A 146 -3.75 24.96 -1.27
N VAL A 147 -3.98 25.14 -2.57
CA VAL A 147 -4.56 26.34 -3.13
C VAL A 147 -5.96 25.96 -3.60
N MET A 148 -6.97 26.42 -2.90
CA MET A 148 -8.29 25.88 -3.11
C MET A 148 -9.28 26.97 -3.29
N GLY A 149 -9.73 27.14 -4.51
CA GLY A 149 -10.68 28.17 -4.81
C GLY A 149 -12.05 28.05 -4.13
N GLY A 150 -12.71 26.93 -4.35
CA GLY A 150 -14.02 26.74 -3.76
C GLY A 150 -13.59 25.88 -2.61
N LYS A 151 -13.65 26.42 -1.39
CA LYS A 151 -13.54 25.65 -0.15
C LYS A 151 -14.75 24.74 0.10
N ASN A 152 -15.91 25.14 -0.42
CA ASN A 152 -17.13 24.38 -0.27
C ASN A 152 -17.72 23.87 -1.57
N VAL A 153 -16.92 23.84 -2.62
CA VAL A 153 -17.38 23.26 -3.88
C VAL A 153 -17.12 21.75 -3.80
N LYS A 154 -18.13 20.96 -4.16
CA LYS A 154 -18.09 19.54 -3.87
C LYS A 154 -16.87 18.84 -4.46
N ASN A 155 -16.63 19.09 -5.75
CA ASN A 155 -15.58 18.35 -6.41
C ASN A 155 -14.20 18.75 -5.89
N GLN A 156 -14.07 20.02 -5.48
CA GLN A 156 -12.81 20.46 -4.92
C GLN A 156 -12.62 19.89 -3.51
N LYS A 157 -13.70 19.82 -2.74
CA LYS A 157 -13.67 19.17 -1.44
C LYS A 157 -13.27 17.70 -1.59
N GLU A 158 -13.82 17.05 -2.61
CA GLU A 158 -13.53 15.64 -2.84
C GLU A 158 -12.07 15.43 -3.21
N ARG A 159 -11.59 16.29 -4.10
CA ARG A 159 -10.19 16.28 -4.49
C ARG A 159 -9.29 16.44 -3.27
N VAL A 160 -9.67 17.34 -2.35
CA VAL A 160 -8.86 17.59 -1.17
C VAL A 160 -8.92 16.40 -0.23
N GLU A 161 -10.11 15.85 -0.08
CA GLU A 161 -10.27 14.73 0.83
C GLU A 161 -9.46 13.52 0.30
N GLY A 162 -9.57 13.22 -0.99
CA GLY A 162 -8.70 12.22 -1.59
C GLY A 162 -7.21 12.50 -1.42
N PHE A 163 -6.78 13.72 -1.79
CA PHE A 163 -5.38 14.10 -1.68
C PHE A 163 -4.88 13.94 -0.25
N THR A 164 -5.67 14.44 0.69
CA THR A 164 -5.25 14.48 2.08
C THR A 164 -5.14 13.07 2.64
N GLN A 165 -6.13 12.24 2.34
CA GLN A 165 -6.17 10.90 2.87
C GLN A 165 -4.95 10.16 2.37
N TYR A 166 -4.67 10.30 1.07
CA TYR A 166 -3.52 9.63 0.49
C TYR A 166 -2.20 10.11 1.09
N ILE A 167 -2.06 11.42 1.18
CA ILE A 167 -0.83 12.01 1.70
C ILE A 167 -0.57 11.50 3.10
N LYS A 168 -1.62 11.49 3.91
CA LYS A 168 -1.53 11.07 5.30
C LYS A 168 -1.24 9.57 5.46
N SER A 169 -1.65 8.75 4.49
CA SER A 169 -1.44 7.30 4.56
C SER A 169 -0.19 6.82 3.85
N ASN A 170 0.46 7.68 3.07
CA ASN A 170 1.58 7.21 2.23
C ASN A 170 2.83 8.05 2.31
N SER A 171 2.89 8.96 3.28
CA SER A 171 4.02 9.86 3.41
C SER A 171 4.04 10.54 4.78
N ASN A 172 5.12 11.27 5.04
CA ASN A 172 5.15 12.13 6.22
C ASN A 172 5.20 13.61 5.79
N LEU A 173 4.65 13.88 4.60
CA LEU A 173 4.51 15.24 4.07
C LEU A 173 3.59 16.05 4.95
N LYS A 174 4.03 17.22 5.39
CA LYS A 174 3.17 18.07 6.18
C LYS A 174 2.33 18.99 5.29
N ILE A 175 1.05 19.09 5.59
CA ILE A 175 0.18 19.98 4.87
C ILE A 175 0.05 21.27 5.63
N VAL A 176 0.63 22.33 5.08
CA VAL A 176 0.62 23.64 5.72
C VAL A 176 -0.69 24.38 5.45
N ASP A 177 -1.27 24.89 6.52
CA ASP A 177 -2.54 25.62 6.51
C ASP A 177 -2.31 27.11 6.41
N THR A 178 -3.17 27.75 5.65
CA THR A 178 -3.09 29.19 5.47
C THR A 178 -4.48 29.78 5.56
N ASP A 179 -4.65 30.74 6.44
CA ASP A 179 -5.89 31.47 6.54
C ASP A 179 -6.05 32.28 5.26
N SER A 180 -7.19 32.16 4.58
CA SER A 180 -7.39 32.83 3.30
C SER A 180 -8.30 34.07 3.37
N SER A 181 -8.62 34.51 4.58
CA SER A 181 -9.48 35.67 4.76
C SER A 181 -8.96 36.95 4.18
N ASP A 182 -7.70 37.29 4.42
CA ASP A 182 -7.21 38.56 3.89
C ASP A 182 -7.13 38.49 2.37
N ALA A 183 -6.94 37.31 1.78
CA ALA A 183 -6.93 37.27 0.31
C ALA A 183 -8.43 37.41 -0.08
N MET A 184 -9.24 37.41 0.94
CA MET A 184 -10.63 37.74 0.86
C MET A 184 -11.24 36.95 -0.26
N LEU A 185 -11.42 35.69 -0.02
CA LEU A 185 -12.25 34.77 -0.81
C LEU A 185 -11.95 33.97 -2.08
N LEU A 186 -10.77 33.61 -2.56
CA LEU A 186 -9.52 34.33 -2.52
C LEU A 186 -8.85 34.12 -3.89
N GLU A 187 -8.43 35.18 -4.57
CA GLU A 187 -7.59 35.00 -5.80
C GLU A 187 -6.21 34.27 -5.49
N ALA A 188 -5.95 32.97 -5.59
CA ALA A 188 -5.42 32.46 -6.83
C ALA A 188 -3.98 32.67 -7.32
N GLU A 189 -3.61 33.94 -7.42
CA GLU A 189 -2.30 34.57 -7.39
C GLU A 189 -2.00 35.19 -6.02
N ILE A 190 -3.01 35.76 -5.40
CA ILE A 190 -2.83 36.48 -4.14
C ILE A 190 -2.62 35.50 -3.00
N ILE A 191 -3.42 34.45 -2.93
CA ILE A 191 -3.27 33.49 -1.85
C ILE A 191 -1.98 32.69 -1.99
N THR A 192 -1.53 32.43 -3.23
CA THR A 192 -0.28 31.69 -3.41
C THR A 192 0.87 32.59 -2.92
N ARG A 193 0.77 33.90 -3.14
CA ARG A 193 1.76 34.81 -2.58
C ARG A 193 1.83 34.70 -1.06
N LYS A 194 0.68 34.72 -0.39
CA LYS A 194 0.72 34.64 1.07
C LYS A 194 1.39 33.34 1.52
N ILE A 195 1.02 32.21 0.90
CA ILE A 195 1.57 30.90 1.26
C ILE A 195 3.09 30.84 1.15
N LEU A 196 3.62 31.30 0.02
CA LEU A 196 5.07 31.24 -0.26
C LEU A 196 5.85 32.29 0.52
N ASN A 197 5.24 33.44 0.77
CA ASN A 197 5.88 34.49 1.57
C ASN A 197 5.88 34.24 3.08
N ARG A 198 4.80 33.64 3.60
CA ARG A 198 4.71 33.31 5.02
C ARG A 198 5.54 32.09 5.43
N ASN A 199 5.71 31.14 4.52
CA ASN A 199 6.37 29.84 4.83
C ASN A 199 7.60 29.64 3.97
N ASP A 200 8.71 29.31 4.62
CA ASP A 200 10.02 29.24 4.00
C ASP A 200 10.38 27.97 3.27
N ASN A 201 9.68 26.88 3.51
CA ASN A 201 10.11 25.65 2.89
C ASN A 201 8.91 24.83 2.37
N ILE A 202 8.14 25.51 1.53
CA ILE A 202 7.07 24.88 0.81
C ILE A 202 7.70 24.19 -0.39
N ASN A 203 7.50 22.88 -0.51
CA ASN A 203 8.07 22.11 -1.61
C ASN A 203 7.10 21.99 -2.77
N ALA A 204 5.81 22.04 -2.46
CA ALA A 204 4.81 21.84 -3.51
C ALA A 204 3.51 22.47 -3.16
N LEU A 205 2.78 22.78 -4.22
CA LEU A 205 1.42 23.26 -4.15
C LEU A 205 0.50 22.25 -4.75
N PHE A 206 -0.61 21.98 -4.08
CA PHE A 206 -1.67 21.18 -4.68
C PHE A 206 -2.86 22.13 -4.97
N CYS A 207 -3.17 22.30 -6.25
CA CYS A 207 -4.21 23.23 -6.71
C CYS A 207 -5.46 22.47 -7.09
N THR A 208 -6.56 22.74 -6.41
CA THR A 208 -7.74 21.89 -6.51
C THR A 208 -8.59 22.20 -7.74
N SER A 209 -8.16 23.18 -8.53
CA SER A 209 -8.90 23.47 -9.77
C SER A 209 -7.95 23.99 -10.81
N ALA A 210 -8.49 24.23 -11.99
CA ALA A 210 -7.71 24.70 -13.14
C ALA A 210 -7.28 26.16 -12.96
N LEU A 211 -8.22 27.00 -12.52
CA LEU A 211 -7.92 28.41 -12.26
C LEU A 211 -6.90 28.55 -11.12
N ASP A 212 -7.08 27.75 -10.08
CA ASP A 212 -6.12 27.75 -9.01
C ASP A 212 -4.75 27.40 -9.56
N GLY A 213 -4.71 26.48 -10.53
CA GLY A 213 -3.43 26.07 -11.10
C GLY A 213 -2.75 27.18 -11.85
N ILE A 214 -3.54 27.88 -12.64
CA ILE A 214 -3.03 29.01 -13.41
C ILE A 214 -2.57 30.15 -12.50
N GLY A 215 -3.30 30.41 -11.42
CA GLY A 215 -2.93 31.46 -10.47
C GLY A 215 -1.68 31.07 -9.68
N ALA A 216 -1.62 29.82 -9.24
CA ALA A 216 -0.47 29.36 -8.46
C ALA A 216 0.80 29.44 -9.31
N ALA A 217 0.67 29.04 -10.58
CA ALA A 217 1.82 29.03 -11.50
C ALA A 217 2.35 30.42 -11.73
N ARG A 218 1.44 31.37 -11.91
CA ARG A 218 1.83 32.77 -12.05
C ARG A 218 2.56 33.31 -10.81
N ALA A 219 2.06 32.96 -9.63
CA ALA A 219 2.64 33.51 -8.40
C ALA A 219 4.03 32.87 -8.17
N VAL A 220 4.16 31.58 -8.45
CA VAL A 220 5.43 30.88 -8.30
C VAL A 220 6.49 31.48 -9.24
N LYS A 221 6.06 31.78 -10.47
CA LYS A 221 6.89 32.48 -11.43
C LYS A 221 7.24 33.90 -10.97
N ASP A 222 6.23 34.68 -10.58
CA ASP A 222 6.49 36.07 -10.20
C ASP A 222 7.42 36.18 -8.95
N LEU A 223 7.31 35.26 -7.99
CA LEU A 223 8.16 35.31 -6.80
C LEU A 223 9.50 34.58 -7.05
N ASN A 224 9.75 34.22 -8.31
CA ASN A 224 11.00 33.60 -8.69
C ASN A 224 11.26 32.26 -7.98
N TYR A 225 10.22 31.42 -7.86
CA TYR A 225 10.36 30.12 -7.19
C TYR A 225 10.17 28.96 -8.16
N LYS A 226 10.17 29.27 -9.45
CA LYS A 226 10.11 28.21 -10.44
C LYS A 226 11.14 27.14 -10.15
N ASP A 227 10.73 25.89 -10.25
CA ASP A 227 11.58 24.73 -9.97
C ASP A 227 12.19 24.67 -8.56
N ARG A 228 11.81 25.58 -7.67
CA ARG A 228 12.05 25.33 -6.25
C ARG A 228 10.73 24.86 -5.59
N VAL A 229 9.61 25.14 -6.25
CA VAL A 229 8.31 24.78 -5.73
C VAL A 229 7.60 24.01 -6.83
N LYS A 230 7.28 22.73 -6.57
CA LYS A 230 6.54 21.93 -7.53
C LYS A 230 5.05 22.28 -7.50
N ILE A 231 4.38 22.08 -8.62
CA ILE A 231 2.94 22.33 -8.70
C ILE A 231 2.18 21.15 -9.36
N ILE A 232 1.10 20.74 -8.72
CA ILE A 232 0.17 19.74 -9.22
C ILE A 232 -1.23 20.29 -9.26
N CYS A 233 -1.89 20.23 -10.42
CA CYS A 233 -3.27 20.73 -10.53
C CYS A 233 -4.19 19.86 -11.36
N PHE A 234 -5.31 20.46 -11.80
CA PHE A 234 -6.37 19.77 -12.55
C PHE A 234 -6.65 20.41 -13.92
N ASP A 235 -7.13 19.64 -14.86
CA ASP A 235 -7.67 20.10 -16.14
C ASP A 235 -7.13 20.50 -17.50
N ASP A 236 -5.87 20.48 -17.84
CA ASP A 236 -5.45 20.67 -19.26
C ASP A 236 -5.63 21.93 -20.18
N LEU A 237 -6.03 23.08 -19.67
CA LEU A 237 -6.01 24.34 -20.40
C LEU A 237 -4.65 24.53 -21.06
N ASP A 238 -4.64 25.26 -22.17
CA ASP A 238 -3.41 25.51 -22.90
C ASP A 238 -2.32 26.04 -21.97
N ASP A 239 -2.68 27.02 -21.13
CA ASP A 239 -1.74 27.59 -20.18
C ASP A 239 -1.15 26.50 -19.29
N THR A 240 -2.01 25.60 -18.84
CA THR A 240 -1.54 24.55 -17.95
C THR A 240 -0.55 23.65 -18.72
N LEU A 241 -0.82 23.38 -19.99
CA LEU A 241 0.05 22.51 -20.78
C LEU A 241 1.39 23.16 -21.12
N SER A 242 1.38 24.47 -21.44
CA SER A 242 2.63 25.20 -21.63
C SER A 242 3.48 25.20 -20.34
N ASN A 243 2.84 25.43 -19.20
CA ASN A 243 3.55 25.43 -17.94
C ASN A 243 4.22 24.11 -17.61
N ILE A 244 3.61 23.03 -18.06
CA ILE A 244 4.19 21.69 -17.89
C ILE A 244 5.35 21.52 -18.87
N ARG A 245 5.16 21.95 -20.11
CA ARG A 245 6.25 21.95 -21.09
C ARG A 245 7.44 22.77 -20.58
N ASN A 246 7.15 23.89 -19.93
CA ASN A 246 8.18 24.83 -19.48
C ASN A 246 8.76 24.53 -18.09
N GLY A 247 8.35 23.43 -17.47
CA GLY A 247 8.86 23.08 -16.16
C GLY A 247 8.27 23.83 -14.97
N LEU A 248 7.25 24.67 -15.20
CA LEU A 248 6.62 25.47 -14.13
C LEU A 248 5.59 24.66 -13.34
N VAL A 249 4.79 23.88 -14.06
CA VAL A 249 3.79 23.01 -13.45
C VAL A 249 4.27 21.58 -13.67
N SER A 250 4.26 20.78 -12.61
CA SER A 250 4.86 19.45 -12.65
C SER A 250 3.95 18.43 -13.27
N ALA A 251 2.67 18.50 -12.91
CA ALA A 251 1.71 17.54 -13.42
C ALA A 251 0.28 18.09 -13.37
N THR A 252 -0.58 17.59 -14.26
CA THR A 252 -2.03 17.75 -14.16
C THR A 252 -2.82 16.48 -14.29
N ILE A 253 -3.93 16.48 -13.57
CA ILE A 253 -4.89 15.42 -13.54
C ILE A 253 -6.00 15.82 -14.47
N VAL A 254 -6.24 15.00 -15.50
CA VAL A 254 -7.23 15.36 -16.50
C VAL A 254 -8.28 14.26 -16.57
N GLN A 255 -9.52 14.67 -16.84
CA GLN A 255 -10.65 13.76 -16.95
C GLN A 255 -10.43 12.83 -18.13
N LYS A 256 -10.97 11.61 -18.06
CA LYS A 256 -10.82 10.68 -19.19
C LYS A 256 -12.04 10.77 -20.07
N SER A 257 -12.01 11.72 -21.01
CA SER A 257 -13.16 12.05 -21.84
C SER A 257 -13.66 10.85 -22.65
N ASN A 258 -12.75 10.23 -23.38
CA ASN A 258 -13.06 9.10 -24.23
C ASN A 258 -13.88 8.02 -23.47
N GLU A 259 -13.45 7.73 -22.24
CA GLU A 259 -14.06 6.67 -21.44
C GLU A 259 -15.42 7.07 -20.94
N MET A 260 -15.63 8.37 -20.74
CA MET A 260 -16.93 8.84 -20.27
C MET A 260 -17.98 8.60 -21.36
N GLY A 261 -17.60 8.91 -22.61
CA GLY A 261 -18.47 8.69 -23.74
C GLY A 261 -18.67 7.20 -23.97
N TYR A 262 -17.59 6.44 -23.83
CA TYR A 262 -17.65 5.01 -23.98
C TYR A 262 -18.62 4.44 -22.93
N ARG A 263 -18.43 4.82 -21.67
CA ARG A 263 -19.30 4.34 -20.60
C ARG A 263 -20.77 4.74 -20.77
N ALA A 264 -21.01 5.96 -21.25
CA ALA A 264 -22.37 6.47 -21.36
C ALA A 264 -23.19 5.62 -22.31
N VAL A 265 -22.63 5.34 -23.48
CA VAL A 265 -23.27 4.45 -24.43
C VAL A 265 -23.57 3.07 -23.84
N ASN A 266 -22.59 2.44 -23.20
CA ASN A 266 -22.80 1.12 -22.62
C ASN A 266 -23.89 1.13 -21.55
N ILE A 267 -24.03 2.25 -20.84
CA ILE A 267 -25.09 2.38 -19.87
C ILE A 267 -26.48 2.51 -20.52
N ILE A 268 -26.56 3.30 -21.59
CA ILE A 268 -27.80 3.41 -22.37
C ILE A 268 -28.24 2.05 -22.90
N MET A 269 -27.32 1.38 -23.59
CA MET A 269 -27.58 0.09 -24.20
C MET A 269 -27.95 -0.99 -23.18
N ASP A 270 -27.38 -0.93 -21.99
CA ASP A 270 -27.79 -1.83 -20.92
C ASP A 270 -29.26 -1.63 -20.60
N LYS A 271 -29.65 -0.36 -20.45
CA LYS A 271 -31.02 0.01 -20.11
C LYS A 271 -31.95 -0.42 -21.24
N ILE A 272 -31.57 -0.10 -22.48
CA ILE A 272 -32.32 -0.50 -23.67
C ILE A 272 -32.54 -2.02 -23.73
N GLU A 273 -31.46 -2.78 -23.60
CA GLU A 273 -31.56 -4.24 -23.66
C GLU A 273 -31.95 -4.83 -22.30
N GLY A 274 -32.23 -3.97 -21.31
CA GLY A 274 -32.73 -4.41 -20.02
C GLY A 274 -31.81 -5.38 -19.29
N LYS A 275 -30.56 -5.46 -19.73
CA LYS A 275 -29.62 -6.41 -19.18
C LYS A 275 -28.91 -5.84 -17.98
N SER A 276 -29.55 -4.89 -17.30
CA SER A 276 -29.02 -4.22 -16.11
C SER A 276 -28.57 -5.17 -14.96
N ASN A 277 -27.48 -4.89 -14.19
CA ASN A 277 -26.30 -4.04 -14.50
C ASN A 277 -26.38 -2.50 -14.30
N LYS A 278 -27.54 -1.93 -13.91
CA LYS A 278 -27.58 -0.62 -13.24
C LYS A 278 -27.46 -0.81 -11.73
N LYS A 281 -23.75 5.37 -8.78
CA LYS A 281 -23.54 5.86 -10.15
C LYS A 281 -22.36 5.14 -10.80
N SER A 282 -21.65 5.85 -11.67
CA SER A 282 -20.49 5.25 -12.33
C SER A 282 -19.46 6.34 -12.61
N LEU A 283 -18.48 6.42 -11.71
CA LEU A 283 -17.46 7.45 -11.75
C LEU A 283 -16.25 6.96 -12.52
N ILE A 284 -15.59 7.87 -13.24
CA ILE A 284 -14.48 7.50 -14.12
C ILE A 284 -13.12 7.87 -13.51
N ASP A 285 -12.11 7.10 -13.88
CA ASP A 285 -10.70 7.32 -13.53
C ASP A 285 -10.17 8.64 -14.16
N VAL A 286 -8.93 9.00 -13.85
CA VAL A 286 -8.30 10.17 -14.45
C VAL A 286 -6.95 9.86 -15.06
N ASN A 287 -6.43 10.75 -15.89
CA ASN A 287 -5.04 10.65 -16.34
C ASN A 287 -4.11 11.72 -15.73
N VAL A 288 -2.82 11.42 -15.75
CA VAL A 288 -1.79 12.30 -15.23
C VAL A 288 -1.00 12.78 -16.43
N ILE A 289 -0.90 14.10 -16.61
CA ILE A 289 -0.02 14.65 -17.62
C ILE A 289 1.19 15.31 -16.95
N ASN A 290 2.36 14.70 -17.07
CA ASN A 290 3.59 15.37 -16.66
C ASN A 290 4.44 15.67 -17.88
N LYS A 291 5.66 16.15 -17.67
CA LYS A 291 6.44 16.73 -18.77
C LYS A 291 6.71 15.72 -19.89
N SER A 292 6.99 14.47 -19.49
CA SER A 292 7.22 13.40 -20.47
C SER A 292 6.10 13.32 -21.50
N ASP A 293 4.92 12.90 -21.05
CA ASP A 293 3.81 12.59 -21.96
C ASP A 293 2.96 13.77 -22.43
N VAL A 294 3.50 14.98 -22.40
CA VAL A 294 2.72 16.13 -22.89
C VAL A 294 2.61 16.10 -24.41
N ASP A 295 3.48 15.31 -25.04
CA ASP A 295 3.58 15.29 -26.50
C ASP A 295 3.05 13.98 -27.11
N PRO B 16 20.57 11.45 22.05
CA PRO B 16 19.26 11.21 22.67
C PRO B 16 18.64 9.91 22.13
N ILE B 17 17.94 9.17 22.98
CA ILE B 17 17.53 7.80 22.65
C ILE B 17 16.20 7.75 21.86
N LYS B 18 16.24 7.03 20.73
CA LYS B 18 15.05 6.94 19.86
C LYS B 18 14.33 5.61 20.04
N PRO B 19 13.00 5.60 19.89
CA PRO B 19 12.22 4.35 20.02
C PRO B 19 12.74 3.30 19.06
N LYS B 20 12.76 2.04 19.51
CA LYS B 20 13.26 0.96 18.68
C LYS B 20 12.14 0.12 18.17
N ILE B 21 12.14 -0.09 16.86
CA ILE B 21 11.15 -0.96 16.23
C ILE B 21 11.87 -2.17 15.70
N VAL B 22 11.34 -3.35 16.00
CA VAL B 22 11.97 -4.56 15.49
C VAL B 22 11.19 -5.08 14.29
N LEU B 23 11.96 -5.35 13.23
CA LEU B 23 11.41 -5.89 11.99
C LEU B 23 11.91 -7.33 11.79
N ILE B 24 11.01 -8.31 11.94
CA ILE B 24 11.40 -9.70 11.74
C ILE B 24 10.95 -10.24 10.36
N SER B 25 11.91 -10.57 9.51
CA SER B 25 11.60 -10.94 8.13
C SER B 25 11.40 -12.45 7.91
N HIS B 26 10.99 -12.80 6.68
CA HIS B 26 11.00 -14.19 6.19
C HIS B 26 12.42 -14.79 6.22
N ILE B 27 13.29 -14.21 5.40
CA ILE B 27 14.73 -14.53 5.31
C ILE B 27 15.45 -13.20 5.46
N LYS B 28 16.53 -13.15 6.24
CA LYS B 28 17.15 -11.83 6.47
C LYS B 28 18.03 -11.40 5.26
N THR B 29 18.29 -12.32 4.35
CA THR B 29 19.14 -12.03 3.20
C THR B 29 18.35 -11.78 1.93
N ASN B 30 17.10 -12.22 1.91
CA ASN B 30 16.21 -12.03 0.76
C ASN B 30 16.12 -10.54 0.38
N PRO B 31 16.35 -10.22 -0.91
CA PRO B 31 16.30 -8.84 -1.43
C PRO B 31 14.91 -8.19 -1.34
N TYR B 32 13.87 -9.01 -1.43
CA TYR B 32 12.52 -8.58 -1.15
C TYR B 32 12.47 -7.94 0.24
N TRP B 33 13.00 -8.65 1.21
CA TRP B 33 12.94 -8.18 2.59
C TRP B 33 13.98 -7.13 2.86
N LEU B 34 14.96 -7.00 1.96
CA LEU B 34 15.87 -5.87 2.08
C LEU B 34 15.24 -4.61 1.52
N ASP B 35 14.37 -4.76 0.53
CA ASP B 35 13.56 -3.64 0.06
C ASP B 35 12.67 -3.16 1.20
N ILE B 36 12.02 -4.11 1.86
CA ILE B 36 11.19 -3.83 3.02
C ILE B 36 12.00 -3.09 4.09
N LYS B 37 13.24 -3.53 4.31
CA LYS B 37 14.06 -2.90 5.34
C LYS B 37 14.37 -1.43 4.99
N ALA B 38 14.73 -1.18 3.73
CA ALA B 38 15.01 0.18 3.25
C ALA B 38 13.83 1.12 3.47
N GLY B 39 12.62 0.66 3.14
CA GLY B 39 11.44 1.46 3.34
C GLY B 39 11.17 1.69 4.82
N ALA B 40 11.28 0.62 5.59
CA ALA B 40 11.20 0.71 7.05
C ALA B 40 12.17 1.76 7.56
N GLU B 41 13.42 1.71 7.09
CA GLU B 41 14.43 2.68 7.51
C GLU B 41 14.04 4.11 7.11
N ARG B 42 13.50 4.30 5.90
CA ARG B 42 13.09 5.63 5.45
C ARG B 42 12.04 6.21 6.40
N ALA B 43 11.01 5.43 6.70
CA ALA B 43 9.98 5.95 7.60
C ALA B 43 10.54 6.23 9.00
N ALA B 44 11.47 5.38 9.45
CA ALA B 44 12.06 5.51 10.78
C ALA B 44 12.83 6.81 10.88
N LYS B 45 13.61 7.07 9.84
CA LYS B 45 14.36 8.32 9.77
C LYS B 45 13.39 9.51 9.78
N GLU B 46 12.31 9.45 9.00
CA GLU B 46 11.33 10.55 9.03
C GLU B 46 10.62 10.65 10.37
N ARG B 47 10.45 9.55 11.10
CA ARG B 47 9.61 9.65 12.28
C ARG B 47 10.45 9.72 13.57
N GLY B 48 11.78 9.63 13.43
CA GLY B 48 12.65 9.75 14.58
C GLY B 48 12.63 8.48 15.40
N ALA B 49 12.86 7.36 14.72
CA ALA B 49 12.93 6.05 15.38
C ALA B 49 14.08 5.28 14.77
N VAL B 50 14.45 4.15 15.38
CA VAL B 50 15.47 3.32 14.75
C VAL B 50 14.88 1.93 14.52
N VAL B 51 15.30 1.28 13.44
CA VAL B 51 14.79 -0.04 13.11
C VAL B 51 15.87 -1.13 13.26
N GLU B 52 15.56 -2.18 14.01
CA GLU B 52 16.43 -3.35 14.04
C GLU B 52 15.84 -4.47 13.19
N PHE B 53 16.62 -4.85 12.19
CA PHE B 53 16.18 -5.79 11.19
C PHE B 53 16.75 -7.15 11.58
N LEU B 54 15.84 -8.08 11.80
CA LEU B 54 16.13 -9.42 12.27
C LEU B 54 15.56 -10.41 11.28
N GLY B 55 15.83 -11.68 11.50
CA GLY B 55 15.28 -12.70 10.63
C GLY B 55 16.20 -13.89 10.51
N PRO B 56 15.60 -15.08 10.44
CA PRO B 56 16.36 -16.32 10.30
C PRO B 56 17.06 -16.40 8.94
N THR B 57 18.11 -17.22 8.86
CA THR B 57 18.79 -17.51 7.61
C THR B 57 17.93 -18.46 6.78
N THR B 58 17.42 -19.48 7.46
CA THR B 58 16.51 -20.46 6.87
C THR B 58 15.10 -20.12 7.33
N ALA B 59 14.14 -20.18 6.41
CA ALA B 59 12.73 -20.04 6.80
C ALA B 59 12.44 -21.04 7.90
N SER B 60 11.85 -20.54 8.98
CA SER B 60 11.70 -21.31 10.22
C SER B 60 10.76 -20.59 11.17
N THR B 61 9.64 -21.23 11.47
CA THR B 61 8.71 -20.69 12.46
C THR B 61 9.38 -20.55 13.83
N GLU B 62 10.27 -21.49 14.14
CA GLU B 62 10.92 -21.50 15.44
C GLU B 62 11.93 -20.38 15.59
N ASP B 63 12.78 -20.22 14.58
CA ASP B 63 13.75 -19.13 14.59
C ASP B 63 13.00 -17.81 14.68
N GLY B 64 12.00 -17.64 13.83
CA GLY B 64 11.16 -16.46 13.84
C GLY B 64 10.50 -16.21 15.19
N LEU B 65 9.93 -17.26 15.79
CA LEU B 65 9.24 -17.10 17.05
C LEU B 65 10.21 -16.73 18.17
N LYS B 66 11.46 -17.17 18.04
CA LYS B 66 12.47 -16.89 19.05
C LYS B 66 12.85 -15.43 19.03
N LEU B 67 12.97 -14.89 17.81
CA LEU B 67 13.30 -13.50 17.60
C LEU B 67 12.19 -12.64 18.17
N PHE B 68 10.94 -13.03 17.93
CA PHE B 68 9.79 -12.32 18.46
C PHE B 68 9.85 -12.27 20.00
N ASP B 69 10.15 -13.42 20.60
CA ASP B 69 10.25 -13.55 22.06
C ASP B 69 11.29 -12.58 22.66
N MET B 70 12.51 -12.56 22.09
CA MET B 70 13.54 -11.59 22.48
C MET B 70 13.10 -10.13 22.30
N ALA B 71 12.44 -9.84 21.19
CA ALA B 71 11.94 -8.49 20.96
C ALA B 71 10.95 -8.11 22.06
N THR B 72 10.07 -9.04 22.42
CA THR B 72 9.11 -8.82 23.50
C THR B 72 9.84 -8.61 24.82
N SER B 73 10.83 -9.46 25.09
CA SER B 73 11.57 -9.38 26.35
C SER B 73 12.36 -8.06 26.47
N ALA B 74 12.86 -7.54 25.35
CA ALA B 74 13.67 -6.31 25.39
C ALA B 74 12.79 -5.03 25.46
N LYS B 75 11.47 -5.24 25.50
CA LYS B 75 10.48 -4.15 25.61
C LYS B 75 10.69 -3.02 24.58
N VAL B 76 10.90 -3.43 23.32
CA VAL B 76 11.08 -2.48 22.24
C VAL B 76 9.76 -1.75 22.00
N SER B 77 9.80 -0.63 21.29
CA SER B 77 8.61 0.22 21.20
C SER B 77 7.55 -0.41 20.29
N GLY B 78 7.97 -1.27 19.36
CA GLY B 78 7.00 -1.96 18.54
C GLY B 78 7.66 -3.05 17.72
N ILE B 79 6.85 -4.02 17.29
CA ILE B 79 7.34 -5.15 16.52
C ILE B 79 6.62 -5.30 15.20
N ILE B 80 7.39 -5.37 14.13
CA ILE B 80 6.81 -5.65 12.84
C ILE B 80 7.28 -7.02 12.42
N THR B 81 6.35 -7.91 12.16
CA THR B 81 6.76 -9.27 11.92
C THR B 81 6.11 -9.95 10.71
N TYR B 82 6.90 -10.81 10.11
CA TYR B 82 6.41 -11.73 9.11
C TYR B 82 5.84 -12.97 9.83
N VAL B 83 4.65 -13.42 9.44
CA VAL B 83 4.12 -14.67 10.01
C VAL B 83 4.54 -15.87 9.14
N GLN B 84 5.31 -16.79 9.72
CA GLN B 84 5.81 -17.93 8.97
C GLN B 84 4.83 -19.10 8.91
N GLU B 85 3.98 -19.24 9.94
CA GLU B 85 2.87 -20.19 9.89
C GLU B 85 1.65 -19.62 10.60
N GLU B 86 0.52 -19.60 9.93
CA GLU B 86 -0.70 -19.12 10.57
C GLU B 86 -1.05 -20.01 11.77
N GLY B 87 -1.72 -19.42 12.75
CA GLY B 87 -2.02 -20.08 14.01
C GLY B 87 -0.87 -20.11 15.02
N GLN B 88 0.37 -20.17 14.52
CA GLN B 88 1.56 -20.35 15.35
C GLN B 88 2.05 -19.06 16.03
N TYR B 89 1.38 -17.96 15.75
CA TYR B 89 1.86 -16.67 16.21
C TYR B 89 0.89 -15.96 17.13
N LYS B 90 -0.32 -16.48 17.27
CA LYS B 90 -1.36 -15.74 17.99
C LYS B 90 -1.06 -15.58 19.48
N LYS B 91 -0.32 -16.51 20.06
CA LYS B 91 -0.03 -16.43 21.49
C LYS B 91 1.01 -15.36 21.80
N LYS B 92 2.15 -15.44 21.13
CA LYS B 92 3.22 -14.46 21.28
C LYS B 92 2.78 -13.02 20.95
N ILE B 93 2.05 -12.85 19.86
CA ILE B 93 1.54 -11.54 19.46
C ILE B 93 0.62 -10.92 20.51
N ASN B 94 -0.31 -11.73 21.02
CA ASN B 94 -1.31 -11.25 21.97
C ASN B 94 -0.66 -11.00 23.31
N SER B 95 0.49 -11.64 23.52
CA SER B 95 1.26 -11.44 24.72
C SER B 95 2.17 -10.22 24.64
N ALA B 96 2.70 -9.94 23.45
CA ALA B 96 3.37 -8.68 23.24
C ALA B 96 2.38 -7.53 23.35
N MET B 97 1.20 -7.69 22.76
CA MET B 97 0.19 -6.65 22.80
C MET B 97 -0.22 -6.40 24.26
N GLU B 98 -0.34 -7.47 25.02
CA GLU B 98 -0.74 -7.33 26.42
C GLU B 98 0.27 -6.52 27.24
N LYS B 99 1.56 -6.65 26.94
CA LYS B 99 2.61 -5.87 27.57
C LYS B 99 2.82 -4.49 26.94
N GLY B 100 1.78 -4.01 26.27
CA GLY B 100 1.80 -2.72 25.58
C GLY B 100 2.76 -2.54 24.44
N ILE B 101 3.13 -3.63 23.77
CA ILE B 101 3.95 -3.52 22.57
C ILE B 101 3.07 -3.66 21.31
N PRO B 102 2.92 -2.58 20.53
CA PRO B 102 2.15 -2.71 19.31
C PRO B 102 2.84 -3.66 18.33
N VAL B 103 2.03 -4.52 17.71
CA VAL B 103 2.53 -5.49 16.74
C VAL B 103 1.84 -5.34 15.39
N VAL B 104 2.65 -5.19 14.33
CA VAL B 104 2.14 -5.12 12.97
C VAL B 104 2.63 -6.34 12.18
N THR B 105 1.71 -7.06 11.55
CA THR B 105 2.10 -8.18 10.71
C THR B 105 2.30 -7.70 9.28
N ILE B 106 3.26 -8.28 8.60
CA ILE B 106 3.66 -7.80 7.31
C ILE B 106 3.85 -8.90 6.28
N ALA B 107 3.27 -8.68 5.10
CA ALA B 107 3.20 -9.62 3.99
C ALA B 107 2.37 -10.83 4.28
N SER B 108 2.56 -11.40 5.44
CA SER B 108 1.83 -12.56 5.83
C SER B 108 1.13 -12.20 7.09
N ASP B 109 -0.15 -12.52 7.17
CA ASP B 109 -0.96 -12.13 8.32
C ASP B 109 -1.23 -13.23 9.35
N GLU B 110 -1.32 -12.83 10.62
CA GLU B 110 -1.95 -13.67 11.66
C GLU B 110 -3.32 -13.07 12.02
N GLU B 111 -4.31 -13.31 11.20
CA GLU B 111 -5.57 -12.58 11.32
C GLU B 111 -6.34 -12.85 12.60
N ASP B 112 -6.21 -14.06 13.11
CA ASP B 112 -6.77 -14.38 14.42
C ASP B 112 -5.79 -14.00 15.53
N SER B 113 -5.63 -12.69 15.72
CA SER B 113 -4.76 -12.16 16.75
C SER B 113 -5.17 -10.72 17.00
N ASN B 114 -4.50 -10.09 17.97
CA ASN B 114 -4.74 -8.68 18.26
C ASN B 114 -3.77 -7.75 17.52
N ARG B 115 -3.12 -8.28 16.47
CA ARG B 115 -2.33 -7.48 15.53
C ARG B 115 -2.99 -6.10 15.37
N ILE B 116 -2.22 -5.03 15.53
CA ILE B 116 -2.81 -3.70 15.42
C ILE B 116 -3.12 -3.46 13.94
N ALA B 117 -2.28 -3.98 13.05
CA ALA B 117 -2.61 -3.93 11.64
C ALA B 117 -1.80 -4.95 10.84
N TYR B 118 -2.37 -5.32 9.70
CA TYR B 118 -1.67 -6.11 8.69
C TYR B 118 -1.29 -5.25 7.50
N VAL B 119 -0.04 -5.31 7.07
CA VAL B 119 0.39 -4.55 5.90
C VAL B 119 0.76 -5.50 4.78
N GLY B 120 -0.02 -5.44 3.70
CA GLY B 120 0.24 -6.26 2.54
C GLY B 120 -0.51 -5.77 1.32
N THR B 121 -0.36 -6.51 0.23
CA THR B 121 -0.91 -6.10 -1.05
C THR B 121 -2.41 -6.07 -1.05
N ASP B 122 -2.97 -4.99 -1.58
CA ASP B 122 -4.38 -4.91 -1.86
C ASP B 122 -4.72 -5.74 -3.10
N ASN B 123 -5.10 -6.98 -2.87
CA ASN B 123 -5.32 -7.91 -3.98
C ASN B 123 -6.50 -7.57 -4.88
N VAL B 124 -7.58 -7.03 -4.31
CA VAL B 124 -8.67 -6.58 -5.16
C VAL B 124 -8.17 -5.46 -6.10
N LEU B 125 -7.39 -4.54 -5.55
CA LEU B 125 -6.85 -3.44 -6.34
C LEU B 125 -5.89 -3.93 -7.41
N ALA B 126 -5.04 -4.88 -7.00
CA ALA B 126 -4.06 -5.48 -7.88
C ALA B 126 -4.76 -6.11 -9.10
N GLY B 127 -5.92 -6.72 -8.84
CA GLY B 127 -6.80 -7.22 -9.90
C GLY B 127 -7.27 -6.11 -10.82
N GLN B 128 -7.67 -4.99 -10.25
CA GLN B 128 -8.13 -3.88 -11.09
C GLN B 128 -7.02 -3.34 -11.96
N VAL B 129 -5.82 -3.22 -11.40
CA VAL B 129 -4.65 -2.80 -12.17
C VAL B 129 -4.39 -3.77 -13.31
N ALA B 130 -4.60 -5.06 -13.07
CA ALA B 130 -4.40 -6.05 -14.12
C ALA B 130 -5.45 -5.85 -15.22
N GLY B 131 -6.71 -5.67 -14.83
CA GLY B 131 -7.76 -5.29 -15.75
C GLY B 131 -7.41 -4.08 -16.59
N LYS B 132 -6.92 -3.00 -15.95
CA LYS B 132 -6.58 -1.80 -16.72
C LYS B 132 -5.50 -2.10 -17.72
N GLU B 133 -4.51 -2.86 -17.28
CA GLU B 133 -3.42 -3.19 -18.16
C GLU B 133 -3.89 -4.09 -19.32
N MET B 134 -4.82 -5.01 -19.06
CA MET B 134 -5.24 -5.87 -20.16
C MET B 134 -6.01 -5.08 -21.22
N VAL B 135 -6.91 -4.22 -20.78
CA VAL B 135 -7.62 -3.36 -21.71
C VAL B 135 -6.63 -2.51 -22.50
N LYS B 136 -5.57 -2.08 -21.84
CA LYS B 136 -4.52 -1.34 -22.55
C LYS B 136 -3.80 -2.23 -23.57
N GLN B 137 -3.69 -3.52 -23.27
CA GLN B 137 -3.02 -4.45 -24.18
C GLN B 137 -3.86 -4.92 -25.37
N ILE B 138 -5.15 -5.16 -25.17
CA ILE B 138 -5.96 -5.78 -26.22
C ILE B 138 -7.23 -5.01 -26.58
N GLY B 139 -7.47 -3.86 -25.93
CA GLY B 139 -8.64 -3.04 -26.24
C GLY B 139 -9.85 -3.43 -25.41
N THR B 140 -11.02 -3.04 -25.88
CA THR B 140 -12.27 -3.22 -25.12
C THR B 140 -13.24 -4.27 -25.68
N SER B 141 -12.87 -4.89 -26.80
CA SER B 141 -13.68 -6.03 -27.28
C SER B 141 -12.81 -7.25 -27.54
N GLY B 142 -13.40 -8.41 -27.37
CA GLY B 142 -12.68 -9.65 -27.48
C GLY B 142 -12.94 -10.56 -26.28
N ASN B 143 -12.19 -11.66 -26.24
CA ASN B 143 -12.36 -12.66 -25.21
C ASN B 143 -11.11 -12.86 -24.40
N VAL B 144 -11.34 -13.11 -23.12
CA VAL B 144 -10.30 -13.23 -22.15
C VAL B 144 -10.60 -14.43 -21.28
N ALA B 145 -9.57 -15.12 -20.83
CA ALA B 145 -9.76 -16.24 -19.94
C ALA B 145 -8.83 -16.12 -18.75
N ILE B 146 -9.25 -16.73 -17.63
CA ILE B 146 -8.54 -16.66 -16.38
C ILE B 146 -7.90 -18.03 -16.06
N VAL B 147 -6.61 -18.00 -15.72
CA VAL B 147 -5.83 -19.15 -15.31
C VAL B 147 -5.57 -18.99 -13.84
N MET B 148 -6.19 -19.85 -13.05
CA MET B 148 -6.26 -19.65 -11.63
C MET B 148 -5.88 -20.93 -10.89
N GLY B 149 -4.70 -20.95 -10.29
CA GLY B 149 -4.21 -22.11 -9.59
C GLY B 149 -5.08 -22.55 -8.42
N GLY B 150 -5.33 -21.62 -7.53
CA GLY B 150 -6.17 -21.88 -6.37
C GLY B 150 -7.52 -21.24 -6.60
N LYS B 151 -8.46 -22.05 -7.07
CA LYS B 151 -9.84 -21.62 -7.27
C LYS B 151 -10.52 -21.10 -5.97
N ASN B 152 -10.09 -21.58 -4.81
CA ASN B 152 -10.68 -21.19 -3.53
C ASN B 152 -9.71 -20.48 -2.57
N VAL B 153 -8.61 -19.95 -3.09
CA VAL B 153 -7.65 -19.18 -2.31
C VAL B 153 -8.03 -17.70 -2.25
N LYS B 154 -8.03 -17.12 -1.06
CA LYS B 154 -8.63 -15.80 -0.88
C LYS B 154 -7.95 -14.72 -1.73
N ASN B 155 -6.62 -14.68 -1.74
CA ASN B 155 -5.96 -13.59 -2.46
C ASN B 155 -6.16 -13.74 -3.99
N GLN B 156 -6.24 -14.96 -4.49
CA GLN B 156 -6.51 -15.17 -5.90
C GLN B 156 -7.97 -14.88 -6.23
N LYS B 157 -8.88 -15.21 -5.32
CA LYS B 157 -10.31 -14.83 -5.48
C LYS B 157 -10.41 -13.31 -5.52
N GLU B 158 -9.62 -12.64 -4.69
CA GLU B 158 -9.64 -11.19 -4.64
C GLU B 158 -9.11 -10.64 -5.96
N ARG B 159 -7.99 -11.18 -6.45
CA ARG B 159 -7.48 -10.75 -7.77
C ARG B 159 -8.49 -10.92 -8.88
N VAL B 160 -9.25 -12.00 -8.86
CA VAL B 160 -10.23 -12.26 -9.90
C VAL B 160 -11.37 -11.25 -9.76
N GLU B 161 -11.73 -10.98 -8.52
CA GLU B 161 -12.84 -10.08 -8.25
C GLU B 161 -12.51 -8.66 -8.71
N GLY B 162 -11.32 -8.17 -8.35
CA GLY B 162 -10.86 -6.89 -8.85
C GLY B 162 -10.79 -6.85 -10.38
N PHE B 163 -10.15 -7.87 -10.96
CA PHE B 163 -10.05 -7.98 -12.41
C PHE B 163 -11.41 -7.97 -13.08
N THR B 164 -12.34 -8.76 -12.53
CA THR B 164 -13.65 -8.95 -13.16
C THR B 164 -14.47 -7.67 -13.13
N GLN B 165 -14.41 -6.98 -11.99
CA GLN B 165 -15.16 -5.76 -11.81
C GLN B 165 -14.67 -4.71 -12.79
N TYR B 166 -13.35 -4.58 -12.93
CA TYR B 166 -12.81 -3.59 -13.84
C TYR B 166 -13.21 -3.86 -15.28
N ILE B 167 -13.03 -5.12 -15.70
CA ILE B 167 -13.33 -5.51 -17.07
C ILE B 167 -14.79 -5.23 -17.41
N LYS B 168 -15.68 -5.61 -16.49
CA LYS B 168 -17.11 -5.50 -16.75
C LYS B 168 -17.55 -4.06 -16.81
N SER B 169 -16.82 -3.19 -16.13
CA SER B 169 -17.18 -1.78 -16.01
C SER B 169 -16.54 -0.89 -17.05
N ASN B 170 -15.52 -1.39 -17.71
CA ASN B 170 -14.72 -0.53 -18.58
C ASN B 170 -14.45 -1.13 -19.94
N SER B 171 -15.19 -2.18 -20.28
CA SER B 171 -14.98 -2.84 -21.56
C SER B 171 -16.15 -3.75 -21.88
N ASN B 172 -16.14 -4.29 -23.09
CA ASN B 172 -17.10 -5.33 -23.45
C ASN B 172 -16.39 -6.67 -23.72
N LEU B 173 -15.22 -6.83 -23.11
CA LEU B 173 -14.47 -8.09 -23.19
C LEU B 173 -15.27 -9.21 -22.55
N LYS B 174 -15.48 -10.32 -23.24
CA LYS B 174 -16.18 -11.42 -22.60
C LYS B 174 -15.16 -12.26 -21.82
N ILE B 175 -15.50 -12.61 -20.59
CA ILE B 175 -14.63 -13.46 -19.78
C ILE B 175 -15.09 -14.88 -19.88
N VAL B 176 -14.28 -15.72 -20.52
CA VAL B 176 -14.62 -17.14 -20.74
C VAL B 176 -14.30 -18.00 -19.52
N ASP B 177 -15.29 -18.79 -19.13
CA ASP B 177 -15.15 -19.63 -17.96
C ASP B 177 -14.77 -21.06 -18.32
N THR B 178 -13.88 -21.61 -17.51
CA THR B 178 -13.38 -22.95 -17.76
C THR B 178 -13.34 -23.71 -16.45
N ASP B 179 -13.99 -24.86 -16.41
CA ASP B 179 -13.94 -25.74 -15.26
C ASP B 179 -12.54 -26.36 -15.20
N SER B 180 -11.90 -26.25 -14.05
CA SER B 180 -10.52 -26.69 -13.91
C SER B 180 -10.38 -28.02 -13.15
N SER B 181 -11.50 -28.71 -12.96
CA SER B 181 -11.61 -29.98 -12.26
C SER B 181 -10.81 -31.10 -12.86
N ASP B 182 -11.00 -31.33 -14.16
CA ASP B 182 -10.20 -32.34 -14.86
C ASP B 182 -8.91 -31.58 -14.74
N ALA B 183 -7.77 -32.21 -14.91
CA ALA B 183 -6.54 -31.45 -14.58
C ALA B 183 -6.37 -31.68 -13.11
N MET B 184 -7.24 -32.45 -12.46
CA MET B 184 -7.12 -32.74 -11.05
C MET B 184 -6.69 -31.52 -10.27
N LEU B 185 -7.46 -30.43 -10.35
CA LEU B 185 -7.24 -29.12 -9.63
C LEU B 185 -5.87 -28.39 -9.70
N LEU B 186 -5.62 -28.28 -10.98
CA LEU B 186 -4.72 -28.07 -12.09
C LEU B 186 -3.52 -27.37 -12.57
N GLU B 187 -2.61 -28.17 -13.06
CA GLU B 187 -1.30 -27.61 -13.35
C GLU B 187 -1.72 -26.61 -14.45
N ALA B 188 -1.05 -25.47 -14.40
CA ALA B 188 -1.27 -24.32 -15.24
C ALA B 188 -1.02 -24.61 -16.71
N GLU B 189 0.01 -25.42 -17.02
CA GLU B 189 0.22 -25.79 -18.44
C GLU B 189 -0.98 -26.60 -18.98
N ILE B 190 -1.57 -27.42 -18.11
CA ILE B 190 -2.64 -28.30 -18.53
C ILE B 190 -3.94 -27.53 -18.67
N ILE B 191 -4.24 -26.66 -17.72
CA ILE B 191 -5.48 -25.88 -17.80
C ILE B 191 -5.43 -24.89 -18.99
N THR B 192 -4.23 -24.38 -19.31
CA THR B 192 -4.14 -23.45 -20.44
C THR B 192 -4.41 -24.14 -21.78
N ARG B 193 -3.94 -25.38 -21.90
CA ARG B 193 -4.22 -26.18 -23.09
C ARG B 193 -5.70 -26.34 -23.26
N LYS B 194 -6.39 -26.61 -22.18
CA LYS B 194 -7.83 -26.76 -22.25
C LYS B 194 -8.53 -25.46 -22.72
N ILE B 195 -8.14 -24.32 -22.13
CA ILE B 195 -8.72 -23.03 -22.46
C ILE B 195 -8.54 -22.73 -23.94
N LEU B 196 -7.32 -22.91 -24.43
CA LEU B 196 -6.96 -22.58 -25.80
C LEU B 196 -7.48 -23.60 -26.84
N ASN B 197 -7.56 -24.87 -26.45
CA ASN B 197 -8.07 -25.91 -27.35
C ASN B 197 -9.62 -25.84 -27.47
N ARG B 198 -10.30 -25.48 -26.38
CA ARG B 198 -11.77 -25.36 -26.41
C ARG B 198 -12.21 -24.09 -27.13
N ASN B 199 -11.43 -23.04 -27.00
CA ASN B 199 -11.85 -21.74 -27.52
C ASN B 199 -10.87 -21.20 -28.52
N ASP B 200 -11.37 -20.94 -29.71
CA ASP B 200 -10.54 -20.56 -30.84
C ASP B 200 -10.23 -19.06 -30.89
N ASN B 201 -10.90 -18.25 -30.08
CA ASN B 201 -10.66 -16.83 -30.20
C ASN B 201 -10.42 -16.12 -28.85
N ILE B 202 -9.51 -16.68 -28.08
CA ILE B 202 -9.03 -16.11 -26.82
C ILE B 202 -7.95 -15.07 -27.11
N ASN B 203 -8.16 -13.82 -26.72
CA ASN B 203 -7.21 -12.75 -27.01
C ASN B 203 -6.17 -12.57 -25.92
N ALA B 204 -6.55 -12.94 -24.69
CA ALA B 204 -5.65 -12.78 -23.57
C ALA B 204 -5.99 -13.70 -22.45
N LEU B 205 -4.95 -14.01 -21.67
CA LEU B 205 -5.03 -14.76 -20.44
C LEU B 205 -4.66 -13.88 -19.25
N PHE B 206 -5.44 -14.01 -18.20
CA PHE B 206 -5.13 -13.39 -16.92
C PHE B 206 -4.81 -14.49 -15.90
N CYS B 207 -3.58 -14.48 -15.41
CA CYS B 207 -3.05 -15.52 -14.53
C CYS B 207 -2.96 -15.03 -13.09
N THR B 208 -3.66 -15.69 -12.19
CA THR B 208 -3.81 -15.14 -10.85
C THR B 208 -2.67 -15.43 -9.89
N SER B 209 -1.64 -16.14 -10.32
CA SER B 209 -0.46 -16.35 -9.48
C SER B 209 0.78 -16.39 -10.33
N ALA B 210 1.93 -16.48 -9.68
CA ALA B 210 3.20 -16.44 -10.40
C ALA B 210 3.40 -17.73 -11.22
N LEU B 211 3.13 -18.87 -10.61
CA LEU B 211 3.26 -20.16 -11.29
C LEU B 211 2.30 -20.27 -12.49
N ASP B 212 1.07 -19.81 -12.31
CA ASP B 212 0.08 -19.85 -13.38
C ASP B 212 0.60 -19.10 -14.60
N GLY B 213 1.33 -18.02 -14.34
CA GLY B 213 1.87 -17.21 -15.42
C GLY B 213 2.93 -17.99 -16.17
N ILE B 214 3.79 -18.67 -15.43
CA ILE B 214 4.81 -19.47 -16.06
C ILE B 214 4.19 -20.63 -16.84
N GLY B 215 3.16 -21.28 -16.27
CA GLY B 215 2.52 -22.37 -16.97
C GLY B 215 1.78 -21.88 -18.21
N ALA B 216 1.09 -20.76 -18.09
CA ALA B 216 0.33 -20.27 -19.19
C ALA B 216 1.29 -19.92 -20.34
N ALA B 217 2.40 -19.27 -20.02
CA ALA B 217 3.34 -18.83 -21.04
C ALA B 217 3.90 -20.01 -21.82
N ARG B 218 4.28 -21.06 -21.08
CA ARG B 218 4.72 -22.31 -21.71
C ARG B 218 3.65 -22.91 -22.63
N ALA B 219 2.40 -22.91 -22.19
CA ALA B 219 1.36 -23.56 -22.98
C ALA B 219 1.07 -22.72 -24.24
N VAL B 220 1.10 -21.40 -24.10
CA VAL B 220 0.87 -20.49 -25.21
C VAL B 220 1.97 -20.66 -26.27
N LYS B 221 3.20 -20.84 -25.79
CA LYS B 221 4.32 -21.15 -26.65
C LYS B 221 4.17 -22.55 -27.30
N ASP B 222 3.90 -23.58 -26.51
CA ASP B 222 3.80 -24.95 -27.06
C ASP B 222 2.68 -25.09 -28.11
N LEU B 223 1.57 -24.40 -27.92
CA LEU B 223 0.48 -24.51 -28.88
C LEU B 223 0.62 -23.52 -30.04
N ASN B 224 1.79 -22.88 -30.15
CA ASN B 224 2.07 -21.93 -31.23
C ASN B 224 1.20 -20.69 -31.26
N TYR B 225 0.90 -20.12 -30.10
CA TYR B 225 0.05 -18.93 -30.05
C TYR B 225 0.78 -17.71 -29.53
N LYS B 226 2.08 -17.74 -29.55
CA LYS B 226 2.78 -16.60 -29.06
C LYS B 226 2.36 -15.44 -29.89
N ASP B 227 2.11 -14.36 -29.20
CA ASP B 227 1.69 -13.14 -29.80
C ASP B 227 0.41 -13.21 -30.63
N ARG B 228 -0.50 -14.07 -30.21
CA ARG B 228 -1.82 -14.15 -30.76
C ARG B 228 -2.66 -14.07 -29.50
N VAL B 229 -2.03 -14.49 -28.42
CA VAL B 229 -2.65 -14.49 -27.10
C VAL B 229 -1.75 -13.74 -26.11
N LYS B 230 -2.20 -12.58 -25.61
CA LYS B 230 -1.43 -11.85 -24.63
C LYS B 230 -1.63 -12.43 -23.24
N ILE B 231 -0.65 -12.22 -22.39
CA ILE B 231 -0.68 -12.79 -21.06
C ILE B 231 -0.38 -11.72 -20.01
N ILE B 232 -1.19 -11.69 -18.96
CA ILE B 232 -0.94 -10.80 -17.83
C ILE B 232 -0.92 -11.64 -16.59
N CYS B 233 0.16 -11.51 -15.81
CA CYS B 233 0.24 -12.30 -14.58
C CYS B 233 0.77 -11.53 -13.38
N PHE B 234 1.18 -12.29 -12.36
CA PHE B 234 1.65 -11.77 -11.08
C PHE B 234 3.07 -12.18 -10.72
N ASP B 235 3.71 -11.32 -9.93
CA ASP B 235 5.05 -11.52 -9.39
C ASP B 235 6.55 -11.53 -9.49
N ASP B 236 7.05 -11.08 -10.64
CA ASP B 236 8.46 -11.24 -10.96
C ASP B 236 9.56 -12.28 -10.91
N LEU B 237 9.16 -13.55 -10.95
CA LEU B 237 10.11 -14.66 -11.20
C LEU B 237 10.94 -14.39 -12.46
N ASP B 238 12.14 -14.95 -12.50
CA ASP B 238 13.04 -14.79 -13.64
C ASP B 238 12.40 -15.13 -15.00
N ASP B 239 11.71 -16.27 -15.04
CA ASP B 239 11.06 -16.75 -16.26
C ASP B 239 10.02 -15.75 -16.72
N THR B 240 9.26 -15.20 -15.77
CA THR B 240 8.25 -14.22 -16.12
C THR B 240 8.87 -12.96 -16.73
N LEU B 241 10.00 -12.51 -16.16
CA LEU B 241 10.65 -11.29 -16.65
C LEU B 241 11.29 -11.51 -18.02
N SER B 242 11.84 -12.71 -18.17
CA SER B 242 12.38 -13.17 -19.43
C SER B 242 11.27 -13.30 -20.48
N ASN B 243 10.12 -13.83 -20.10
CA ASN B 243 8.97 -13.91 -21.00
C ASN B 243 8.49 -12.52 -21.47
N ILE B 244 8.66 -11.51 -20.60
CA ILE B 244 8.26 -10.16 -20.95
C ILE B 244 9.23 -9.48 -21.95
N ARG B 245 10.53 -9.62 -21.74
CA ARG B 245 11.54 -9.13 -22.70
C ARG B 245 11.33 -9.75 -24.08
N ASN B 246 10.92 -11.00 -24.05
CA ASN B 246 10.77 -11.86 -25.22
C ASN B 246 9.43 -11.83 -25.97
N GLY B 247 8.53 -10.96 -25.54
CA GLY B 247 7.23 -10.77 -26.18
C GLY B 247 6.16 -11.80 -25.87
N LEU B 248 6.49 -12.75 -25.01
CA LEU B 248 5.58 -13.86 -24.65
C LEU B 248 4.55 -13.48 -23.60
N VAL B 249 5.00 -12.75 -22.58
CA VAL B 249 4.16 -12.21 -21.50
C VAL B 249 4.14 -10.70 -21.64
N SER B 250 2.95 -10.12 -21.60
CA SER B 250 2.80 -8.70 -21.90
C SER B 250 3.10 -7.83 -20.66
N ALA B 251 2.60 -8.25 -19.51
CA ALA B 251 2.76 -7.48 -18.29
C ALA B 251 2.70 -8.38 -17.09
N THR B 252 3.39 -7.97 -16.03
CA THR B 252 3.20 -8.64 -14.77
C THR B 252 2.96 -7.60 -13.67
N ILE B 253 2.12 -7.97 -12.70
CA ILE B 253 1.76 -7.11 -11.60
C ILE B 253 2.62 -7.46 -10.38
N VAL B 254 3.36 -6.49 -9.87
CA VAL B 254 4.34 -6.74 -8.82
C VAL B 254 4.08 -5.98 -7.51
N GLN B 255 4.34 -6.66 -6.40
CA GLN B 255 4.18 -6.09 -5.08
C GLN B 255 5.21 -5.00 -4.81
N LYS B 256 4.82 -4.03 -4.01
CA LYS B 256 5.69 -2.92 -3.67
C LYS B 256 6.34 -3.12 -2.29
N SER B 257 7.45 -3.85 -2.24
CA SER B 257 8.05 -4.22 -0.95
C SER B 257 8.43 -3.02 -0.10
N ASN B 258 9.20 -2.13 -0.68
CA ASN B 258 9.72 -0.96 0.01
C ASN B 258 8.67 -0.21 0.79
N GLU B 259 7.54 -0.03 0.13
CA GLU B 259 6.40 0.73 0.64
C GLU B 259 5.72 -0.03 1.77
N MET B 260 5.81 -1.34 1.72
CA MET B 260 5.22 -2.15 2.78
C MET B 260 6.00 -1.92 4.06
N GLY B 261 7.34 -1.88 3.96
CA GLY B 261 8.17 -1.62 5.13
C GLY B 261 7.95 -0.20 5.65
N TYR B 262 7.85 0.73 4.72
CA TYR B 262 7.61 2.13 5.04
C TYR B 262 6.27 2.30 5.77
N ARG B 263 5.20 1.71 5.22
CA ARG B 263 3.89 1.88 5.83
C ARG B 263 3.85 1.25 7.25
N ALA B 264 4.53 0.12 7.43
CA ALA B 264 4.48 -0.59 8.70
C ALA B 264 5.08 0.25 9.83
N VAL B 265 6.25 0.82 9.60
CA VAL B 265 6.82 1.71 10.60
C VAL B 265 5.88 2.87 10.95
N ASN B 266 5.31 3.53 9.95
CA ASN B 266 4.40 4.66 10.22
C ASN B 266 3.19 4.25 11.02
N ILE B 267 2.72 3.02 10.84
CA ILE B 267 1.58 2.55 11.62
C ILE B 267 1.98 2.35 13.10
N ILE B 268 3.16 1.77 13.29
CA ILE B 268 3.71 1.60 14.63
C ILE B 268 3.88 2.95 15.30
N MET B 269 4.55 3.86 14.62
CA MET B 269 4.80 5.18 15.20
C MET B 269 3.50 5.93 15.50
N ASP B 270 2.49 5.74 14.68
CA ASP B 270 1.17 6.34 14.96
C ASP B 270 0.57 5.81 16.27
N LYS B 271 0.65 4.50 16.50
CA LYS B 271 0.12 3.89 17.72
C LYS B 271 0.87 4.39 18.95
N ILE B 272 2.19 4.43 18.81
CA ILE B 272 3.10 4.96 19.82
C ILE B 272 2.78 6.40 20.22
N GLU B 273 2.66 7.28 19.21
CA GLU B 273 2.41 8.70 19.48
C GLU B 273 0.93 8.99 19.68
N GLY B 274 0.13 7.93 19.74
CA GLY B 274 -1.29 8.05 19.98
C GLY B 274 -2.11 8.71 18.88
N LYS B 275 -1.58 8.76 17.66
CA LYS B 275 -2.32 9.38 16.54
C LYS B 275 -3.24 8.40 15.80
N SER B 276 -3.35 7.18 16.34
CA SER B 276 -4.19 6.14 15.72
C SER B 276 -5.66 6.55 15.63
N LYS B 281 -5.69 2.39 6.32
CA LYS B 281 -5.09 1.13 6.79
C LYS B 281 -5.69 -0.13 6.14
N SER B 282 -4.83 -1.04 5.66
CA SER B 282 -3.39 -0.83 5.56
C SER B 282 -2.77 -1.64 4.40
N LEU B 283 -3.52 -1.75 3.30
CA LEU B 283 -3.09 -2.52 2.14
C LEU B 283 -2.34 -1.64 1.12
N ILE B 284 -1.40 -2.24 0.41
CA ILE B 284 -0.51 -1.50 -0.47
C ILE B 284 -0.85 -1.68 -1.97
N ASP B 285 -0.49 -0.68 -2.77
CA ASP B 285 -0.55 -0.71 -4.25
C ASP B 285 0.40 -1.72 -4.87
N VAL B 286 0.33 -1.85 -6.18
CA VAL B 286 1.26 -2.68 -6.93
C VAL B 286 1.90 -1.89 -8.06
N ASN B 287 2.96 -2.41 -8.66
CA ASN B 287 3.49 -1.87 -9.90
C ASN B 287 3.22 -2.77 -11.10
N VAL B 288 3.33 -2.20 -12.29
CA VAL B 288 3.15 -2.96 -13.50
C VAL B 288 4.49 -3.02 -14.21
N ILE B 289 4.97 -4.21 -14.54
CA ILE B 289 6.12 -4.36 -15.41
C ILE B 289 5.73 -4.88 -16.79
N ASN B 290 5.89 -4.05 -17.81
CA ASN B 290 5.78 -4.51 -19.21
C ASN B 290 7.14 -4.39 -19.85
N LYS B 291 7.25 -4.57 -21.17
CA LYS B 291 8.59 -4.71 -21.77
C LYS B 291 9.52 -3.53 -21.48
N SER B 292 8.96 -2.32 -21.42
CA SER B 292 9.74 -1.12 -21.09
C SER B 292 10.62 -1.32 -19.83
N ASP B 293 9.97 -1.49 -18.69
CA ASP B 293 10.67 -1.45 -17.41
C ASP B 293 11.36 -2.74 -17.01
N VAL B 294 11.56 -3.66 -17.96
CA VAL B 294 12.28 -4.88 -17.63
C VAL B 294 13.75 -4.56 -17.51
N ASP B 295 14.06 -3.32 -17.93
CA ASP B 295 15.41 -2.73 -17.99
C ASP B 295 16.10 -3.24 -19.24
N MET C 14 37.91 1.27 28.48
CA MET C 14 38.28 0.45 27.33
C MET C 14 38.17 -1.04 27.66
N LEU C 15 39.02 -1.51 28.55
CA LEU C 15 39.04 -2.92 28.98
C LEU C 15 38.18 -3.10 30.21
N ASN C 16 38.26 -2.11 31.10
CA ASN C 16 37.28 -1.93 32.15
C ASN C 16 35.85 -2.16 31.65
N ASN C 17 35.53 -1.60 30.49
CA ASN C 17 34.19 -1.71 29.93
C ASN C 17 33.82 -3.14 29.56
N MET C 18 34.78 -3.87 28.96
CA MET C 18 34.58 -5.30 28.67
C MET C 18 34.50 -6.08 29.96
N LEU C 19 35.37 -5.71 30.89
CA LEU C 19 35.47 -6.39 32.18
C LEU C 19 34.11 -6.47 32.86
N ILE C 20 33.49 -5.31 33.07
CA ILE C 20 32.24 -5.23 33.79
C ILE C 20 31.10 -5.94 33.05
N THR C 21 31.18 -5.99 31.72
CA THR C 21 30.18 -6.69 30.92
C THR C 21 30.16 -8.17 31.29
N ASN C 22 31.34 -8.76 31.46
CA ASN C 22 31.41 -10.17 31.86
C ASN C 22 30.95 -10.40 33.29
N GLU C 23 31.24 -9.44 34.16
CA GLU C 23 30.71 -9.47 35.52
C GLU C 23 29.19 -9.49 35.49
N ILE C 24 28.62 -8.62 34.63
CA ILE C 24 27.18 -8.56 34.41
C ILE C 24 26.65 -9.90 33.93
N LYS C 25 27.30 -10.44 32.91
CA LYS C 25 26.93 -11.71 32.32
C LYS C 25 27.05 -12.81 33.39
N GLN C 26 28.13 -12.81 34.17
CA GLN C 26 28.30 -13.80 35.24
C GLN C 26 27.23 -13.69 36.33
N HIS C 27 26.99 -12.47 36.80
CA HIS C 27 25.93 -12.20 37.77
C HIS C 27 24.57 -12.71 37.30
N VAL C 28 24.27 -12.52 36.02
CA VAL C 28 23.02 -13.03 35.48
C VAL C 28 23.05 -14.56 35.49
N ASP C 29 24.17 -15.11 35.01
CA ASP C 29 24.38 -16.56 35.00
C ASP C 29 24.24 -17.12 36.41
N SER C 30 24.98 -16.52 37.33
CA SER C 30 25.00 -16.94 38.72
C SER C 30 23.60 -16.84 39.36
N SER C 31 22.88 -15.77 39.04
CA SER C 31 21.50 -15.59 39.48
C SER C 31 20.58 -16.72 39.02
N LEU C 32 20.69 -17.12 37.74
CA LEU C 32 19.85 -18.17 37.19
C LEU C 32 20.17 -19.52 37.81
N ASP C 33 21.46 -19.76 38.08
CA ASP C 33 21.88 -21.00 38.71
C ASP C 33 21.21 -21.13 40.07
N ASN C 34 21.39 -20.11 40.91
CA ASN C 34 20.74 -20.05 42.21
C ASN C 34 19.22 -20.17 42.12
N PHE C 35 18.64 -19.53 41.09
CA PHE C 35 17.20 -19.54 40.88
C PHE C 35 16.67 -20.94 40.56
N ASN C 36 17.37 -21.66 39.69
CA ASN C 36 17.04 -23.05 39.38
C ASN C 36 17.09 -23.93 40.62
N GLN C 37 18.21 -23.87 41.32
CA GLN C 37 18.43 -24.67 42.52
C GLN C 37 17.33 -24.45 43.55
N TYR C 38 16.91 -23.19 43.71
CA TYR C 38 15.89 -22.89 44.70
C TYR C 38 14.54 -23.52 44.35
N ILE C 39 14.15 -23.42 43.07
CA ILE C 39 12.88 -23.98 42.61
C ILE C 39 12.89 -25.50 42.75
N LEU C 40 14.03 -26.12 42.47
CA LEU C 40 14.19 -27.57 42.62
C LEU C 40 14.27 -28.02 44.09
N ASN C 41 15.20 -27.43 44.84
CA ASN C 41 15.55 -27.88 46.19
C ASN C 41 14.75 -27.22 47.31
N GLY C 42 14.54 -25.91 47.19
CA GLY C 42 13.78 -25.18 48.19
C GLY C 42 14.65 -24.51 49.22
N THR C 43 15.96 -24.63 49.06
CA THR C 43 16.91 -23.99 49.97
C THR C 43 16.75 -22.47 49.98
N PRO C 44 16.32 -21.90 51.11
CA PRO C 44 16.10 -20.44 51.18
C PRO C 44 17.36 -19.58 51.03
N SER C 45 18.54 -20.20 51.05
CA SER C 45 19.77 -19.41 50.93
C SER C 45 20.08 -19.07 49.48
N LYS C 46 19.66 -19.93 48.57
CA LYS C 46 19.95 -19.70 47.17
C LYS C 46 18.95 -18.72 46.58
N LYS C 47 17.73 -18.68 47.14
CA LYS C 47 16.76 -17.69 46.73
C LYS C 47 17.30 -16.29 46.97
N GLU C 48 17.95 -16.08 48.11
CA GLU C 48 18.51 -14.77 48.40
C GLU C 48 19.79 -14.49 47.60
N SER C 49 20.58 -15.52 47.29
CA SER C 49 21.75 -15.35 46.43
C SER C 49 21.31 -14.90 45.04
N TYR C 50 20.29 -15.58 44.52
CA TYR C 50 19.64 -15.19 43.27
C TYR C 50 19.28 -13.71 43.25
N ASN C 51 18.72 -13.21 44.34
CA ASN C 51 18.30 -11.82 44.37
C ASN C 51 19.46 -10.85 44.54
N ASN C 52 20.52 -11.30 45.21
CA ASN C 52 21.76 -10.54 45.27
C ASN C 52 22.39 -10.38 43.89
N GLU C 53 22.44 -11.48 43.15
CA GLU C 53 23.04 -11.45 41.84
C GLU C 53 22.30 -10.54 40.82
N VAL C 54 20.97 -10.55 40.81
CA VAL C 54 20.24 -9.68 39.86
C VAL C 54 20.45 -8.22 40.21
N ILE C 55 20.61 -7.93 41.51
CA ILE C 55 20.82 -6.55 41.96
C ILE C 55 22.17 -6.06 41.46
N LEU C 56 23.18 -6.93 41.55
CA LEU C 56 24.52 -6.58 41.10
C LEU C 56 24.58 -6.43 39.58
N ALA C 57 24.00 -7.39 38.88
CA ALA C 57 23.74 -7.24 37.45
C ALA C 57 23.08 -5.90 37.13
N LYS C 58 21.94 -5.66 37.79
CA LYS C 58 21.17 -4.45 37.61
C LYS C 58 22.03 -3.23 37.89
N GLN C 59 22.79 -3.29 38.98
CA GLN C 59 23.66 -2.17 39.35
C GLN C 59 24.73 -1.91 38.29
N LYS C 60 25.43 -2.95 37.88
CA LYS C 60 26.56 -2.76 36.98
C LYS C 60 26.12 -2.36 35.57
N ILE C 61 24.91 -2.76 35.17
CA ILE C 61 24.38 -2.28 33.89
C ILE C 61 24.21 -0.77 33.99
N GLY C 62 23.76 -0.33 35.17
CA GLY C 62 23.64 1.08 35.47
C GLY C 62 24.90 1.88 35.21
N ASN C 63 26.04 1.42 35.73
CA ASN C 63 27.30 2.14 35.58
C ASN C 63 27.71 2.25 34.13
N LEU C 64 27.43 1.20 33.36
CA LEU C 64 27.76 1.22 31.95
C LEU C 64 26.92 2.26 31.24
N LYS C 65 25.72 2.53 31.77
CA LYS C 65 24.75 3.41 31.11
C LYS C 65 25.02 4.89 31.36
N LYS C 66 25.68 5.22 32.47
CA LYS C 66 25.97 6.63 32.74
C LYS C 66 27.10 7.14 31.86
N ASN C 67 27.76 6.23 31.14
CA ASN C 67 28.81 6.61 30.19
C ASN C 67 28.55 6.00 28.80
N SER C 68 27.29 6.02 28.35
CA SER C 68 26.89 5.37 27.10
C SER C 68 27.32 6.05 25.80
N ASP C 69 27.73 5.25 24.81
CA ASP C 69 27.80 5.71 23.43
C ASP C 69 26.42 6.07 22.94
N ASP C 70 26.35 6.61 21.74
CA ASP C 70 25.07 6.80 21.09
C ASP C 70 24.66 5.45 20.51
N VAL C 71 25.63 4.59 20.26
CA VAL C 71 25.34 3.27 19.70
C VAL C 71 24.97 2.25 20.78
N ASN C 72 25.85 2.02 21.74
CA ASN C 72 25.59 0.99 22.73
C ASN C 72 24.54 1.37 23.76
N GLN C 73 24.13 2.64 23.78
CA GLN C 73 23.00 2.99 24.64
C GLN C 73 21.75 2.18 24.22
N TYR C 74 21.68 1.80 22.94
CA TYR C 74 20.59 0.96 22.44
C TYR C 74 20.75 -0.50 22.91
N ILE C 75 21.93 -1.07 22.76
CA ILE C 75 22.19 -2.40 23.31
C ILE C 75 21.93 -2.45 24.81
N LEU C 76 22.39 -1.42 25.51
CA LEU C 76 22.27 -1.35 26.95
C LEU C 76 20.82 -1.27 27.41
N ARG C 77 19.99 -0.55 26.65
CA ARG C 77 18.58 -0.44 26.99
C ARG C 77 17.90 -1.79 26.83
N ASP C 78 18.25 -2.49 25.76
CA ASP C 78 17.69 -3.82 25.52
C ASP C 78 18.16 -4.79 26.58
N LEU C 79 19.44 -4.73 26.91
CA LEU C 79 19.99 -5.55 27.97
C LEU C 79 19.28 -5.26 29.29
N ASP C 80 19.17 -3.98 29.62
CA ASP C 80 18.56 -3.59 30.90
C ASP C 80 17.10 -4.06 30.95
N ASN C 81 16.36 -3.85 29.86
CA ASN C 81 14.97 -4.28 29.79
C ASN C 81 14.82 -5.80 29.80
N THR C 82 15.74 -6.51 29.18
CA THR C 82 15.66 -7.98 29.14
C THR C 82 15.84 -8.54 30.55
N LEU C 83 16.86 -8.06 31.24
CA LEU C 83 17.03 -8.36 32.67
C LEU C 83 15.74 -8.15 33.47
N ASP C 84 15.09 -7.01 33.26
CA ASP C 84 13.81 -6.73 33.96
C ASP C 84 12.77 -7.80 33.65
N SER C 85 12.65 -8.17 32.37
CA SER C 85 11.75 -9.27 32.00
C SER C 85 12.15 -10.53 32.75
N TYR C 86 13.45 -10.82 32.76
CA TYR C 86 13.96 -11.98 33.47
C TYR C 86 13.55 -11.96 34.93
N ILE C 87 13.81 -10.83 35.58
CA ILE C 87 13.47 -10.62 36.98
C ILE C 87 12.00 -10.87 37.24
N GLU C 88 11.16 -10.40 36.31
CA GLU C 88 9.71 -10.51 36.45
C GLU C 88 9.22 -11.95 36.30
N SER C 89 9.70 -12.67 35.31
CA SER C 89 9.30 -14.06 35.14
C SER C 89 9.89 -14.96 36.21
N SER C 90 11.07 -14.61 36.73
CA SER C 90 11.66 -15.46 37.74
C SER C 90 10.95 -15.22 39.06
N LYS C 91 10.44 -14.02 39.27
CA LYS C 91 9.67 -13.75 40.49
C LYS C 91 8.24 -14.26 40.42
N ASN C 92 7.70 -14.41 39.22
CA ASN C 92 6.40 -15.02 39.11
C ASN C 92 6.55 -16.53 39.30
N THR C 93 7.65 -17.09 38.80
CA THR C 93 7.99 -18.49 39.05
C THR C 93 8.09 -18.76 40.54
N ILE C 94 8.83 -17.89 41.25
CA ILE C 94 9.01 -17.99 42.70
C ILE C 94 7.68 -17.82 43.45
N SER C 95 6.90 -16.83 43.04
CA SER C 95 5.61 -16.55 43.68
C SER C 95 4.70 -17.77 43.63
N ALA C 96 4.55 -18.36 42.44
CA ALA C 96 3.71 -19.54 42.27
C ALA C 96 4.18 -20.71 43.14
N TYR C 97 5.47 -20.99 43.08
CA TYR C 97 6.09 -22.07 43.82
C TYR C 97 5.87 -21.94 45.35
N GLU C 98 5.82 -20.71 45.86
CA GLU C 98 5.76 -20.49 47.30
C GLU C 98 4.37 -20.59 47.95
N ASN C 99 3.29 -20.47 47.18
CA ASN C 99 2.02 -20.94 47.70
C ASN C 99 1.73 -22.29 47.05
N LYS C 100 2.79 -23.11 47.04
CA LYS C 100 2.83 -24.49 46.52
C LYS C 100 2.07 -25.00 45.31
N GLU C 101 2.06 -24.24 44.22
CA GLU C 101 1.41 -24.75 43.02
C GLU C 101 2.36 -25.77 42.40
N GLY C 102 1.82 -26.67 41.58
CA GLY C 102 2.63 -27.69 40.96
C GLY C 102 3.48 -27.19 39.80
N TYR C 103 4.46 -27.99 39.43
CA TYR C 103 5.40 -27.69 38.35
C TYR C 103 4.70 -27.36 37.01
N VAL C 104 3.50 -27.91 36.81
CA VAL C 104 2.76 -27.68 35.57
C VAL C 104 2.14 -26.27 35.54
N PHE C 105 2.11 -25.60 36.70
CA PHE C 105 1.50 -24.27 36.81
C PHE C 105 2.52 -23.14 36.98
N TYR C 106 3.81 -23.49 36.94
CA TYR C 106 4.86 -22.48 36.88
C TYR C 106 5.96 -22.90 35.91
N TYR C 107 5.76 -24.03 35.24
CA TYR C 107 6.67 -24.45 34.18
C TYR C 107 6.88 -23.32 33.19
N ASP C 108 5.76 -22.78 32.72
CA ASP C 108 5.70 -21.53 31.97
C ASP C 108 6.41 -20.21 32.19
N ASP C 109 6.54 -19.82 33.45
CA ASP C 109 7.46 -18.76 33.87
C ASP C 109 8.87 -19.30 34.10
N PHE C 110 8.97 -20.60 34.44
CA PHE C 110 10.25 -21.22 34.73
C PHE C 110 11.17 -21.21 33.51
N VAL C 111 10.68 -21.73 32.39
CA VAL C 111 11.53 -21.81 31.20
C VAL C 111 11.68 -20.42 30.60
N ALA C 112 10.62 -19.62 30.69
CA ALA C 112 10.69 -18.22 30.28
C ALA C 112 11.87 -17.56 30.99
N ALA C 113 11.99 -17.81 32.28
CA ALA C 113 13.08 -17.25 33.07
C ALA C 113 14.47 -17.58 32.47
N LYS C 114 14.68 -18.83 32.06
CA LYS C 114 15.99 -19.20 31.48
C LYS C 114 16.11 -18.80 30.01
N ASN C 115 15.00 -18.84 29.27
CA ASN C 115 14.99 -18.29 27.92
C ASN C 115 15.47 -16.83 27.96
N ILE C 116 14.82 -16.04 28.81
CA ILE C 116 15.12 -14.62 28.93
C ILE C 116 16.50 -14.41 29.54
N ALA C 117 16.92 -15.30 30.44
CA ALA C 117 18.26 -15.22 31.00
C ALA C 117 19.30 -15.31 29.87
N SER C 118 19.09 -16.18 28.90
CA SER C 118 20.07 -16.31 27.80
C SER C 118 19.99 -15.16 26.83
N TYR C 119 18.81 -14.55 26.72
CA TYR C 119 18.67 -13.35 25.93
C TYR C 119 19.60 -12.29 26.49
N CYS C 120 19.60 -12.11 27.81
CA CYS C 120 20.50 -11.14 28.47
C CYS C 120 21.92 -11.40 28.08
N ASP C 121 22.21 -12.69 27.90
CA ASP C 121 23.56 -13.12 27.58
C ASP C 121 23.92 -12.73 26.12
N ALA C 122 22.90 -12.79 25.26
CA ALA C 122 23.06 -12.43 23.86
C ALA C 122 23.38 -10.93 23.71
N TYR C 123 22.64 -10.09 24.43
CA TYR C 123 22.91 -8.65 24.47
C TYR C 123 24.26 -8.33 25.11
N ALA C 124 24.67 -9.15 26.07
CA ALA C 124 25.93 -8.92 26.75
C ALA C 124 27.09 -9.09 25.79
N SER C 125 27.02 -10.10 24.94
CA SER C 125 28.10 -10.37 24.00
C SER C 125 28.12 -9.30 22.92
N THR C 126 26.94 -8.99 22.41
CA THR C 126 26.75 -7.91 21.46
C THR C 126 27.33 -6.60 22.00
N LEU C 127 27.10 -6.38 23.30
CA LEU C 127 27.64 -5.20 24.00
C LEU C 127 29.16 -5.25 24.09
N MET C 128 29.71 -6.45 24.22
CA MET C 128 31.15 -6.55 24.39
C MET C 128 31.88 -6.45 23.05
N GLN C 129 31.28 -7.00 22.00
CA GLN C 129 31.86 -6.94 20.68
C GLN C 129 31.99 -5.48 20.29
N ASN C 130 30.93 -4.73 20.57
CA ASN C 130 30.95 -3.29 20.43
C ASN C 130 32.19 -2.65 21.06
N PHE C 131 32.54 -3.09 22.27
CA PHE C 131 33.69 -2.55 23.03
C PHE C 131 34.90 -3.29 22.48
N LEU C 132 35.14 -3.13 21.18
CA LEU C 132 36.40 -3.50 20.53
C LEU C 132 37.05 -2.35 19.77
N GLU C 133 36.54 -1.14 19.96
CA GLU C 133 36.79 0.05 19.10
C GLU C 133 37.55 1.09 18.23
N ALA C 134 38.77 1.44 18.65
CA ALA C 134 39.99 1.85 17.95
C ALA C 134 41.23 1.12 18.46
#